data_3N70
#
_entry.id   3N70
#
_cell.length_a   77.612
_cell.length_b   77.612
_cell.length_c   215.088
_cell.angle_alpha   90.00
_cell.angle_beta   90.00
_cell.angle_gamma   90.00
#
_symmetry.space_group_name_H-M   'P 43'
#
loop_
_entity.id
_entity.type
_entity.pdbx_description
1 polymer 'Transport activator'
2 non-polymer 'SULFATE ION'
3 water water
#
_entity_poly.entity_id   1
_entity_poly.type   'polypeptide(L)'
_entity_poly.pdbx_seq_one_letter_code
;VELIGRSEWINQYRRRLQQLSETDIAVWLYGAPGTGR(MSE)TGARYLHQFGRNAQGEFVYRELTPDNAPQLNDFIALAQ
GGTLVLSHPEHLTREQQYHLVQLQSQEHRPFRLIGIGDTSLVELAASNHIIAELYYCFA(MSE)TQIACLPLT
;
_entity_poly.pdbx_strand_id   A,B,C,D,E,F,G,H
#
# COMPACT_ATOMS: atom_id res chain seq x y z
N ILE A 4 13.57 -13.53 5.13
CA ILE A 4 12.48 -12.57 5.02
C ILE A 4 13.00 -11.14 5.14
N GLY A 5 13.56 -10.81 6.30
CA GLY A 5 14.20 -9.53 6.52
C GLY A 5 13.23 -8.48 7.04
N ARG A 6 13.73 -7.54 7.84
CA ARG A 6 12.90 -6.46 8.33
C ARG A 6 13.17 -5.15 7.59
N SER A 7 14.44 -4.78 7.52
CA SER A 7 14.86 -3.57 6.84
C SER A 7 15.35 -3.89 5.43
N GLU A 8 15.23 -5.15 5.05
CA GLU A 8 15.59 -5.59 3.72
C GLU A 8 14.72 -4.90 2.69
N TRP A 9 13.45 -4.70 3.05
CA TRP A 9 12.49 -4.11 2.12
C TRP A 9 12.92 -2.70 1.73
N ILE A 10 13.34 -1.91 2.71
CA ILE A 10 13.77 -0.55 2.43
C ILE A 10 14.99 -0.54 1.53
N ASN A 11 15.97 -1.37 1.86
CA ASN A 11 17.17 -1.46 1.04
C ASN A 11 16.80 -1.99 -0.34
N GLN A 12 15.91 -2.97 -0.35
CA GLN A 12 15.39 -3.48 -1.61
C GLN A 12 14.62 -2.36 -2.28
N TYR A 13 13.80 -1.66 -1.50
CA TYR A 13 13.09 -0.50 -2.00
C TYR A 13 14.08 0.57 -2.39
N ARG A 14 15.08 0.79 -1.53
CA ARG A 14 16.10 1.80 -1.76
C ARG A 14 16.91 1.47 -3.01
N ARG A 15 17.14 0.18 -3.21
CA ARG A 15 17.91 -0.30 -4.36
C ARG A 15 17.20 0.05 -5.65
N ARG A 16 15.87 -0.03 -5.64
CA ARG A 16 15.10 0.28 -6.82
C ARG A 16 15.29 1.73 -7.22
N LEU A 17 15.30 2.62 -6.24
CA LEU A 17 15.51 4.04 -6.50
C LEU A 17 16.89 4.32 -7.08
N GLN A 18 17.93 3.70 -6.52
CA GLN A 18 19.28 3.91 -6.96
C GLN A 18 19.45 3.49 -8.42
N GLN A 19 18.96 2.30 -8.73
CA GLN A 19 19.03 1.76 -10.09
C GLN A 19 18.00 2.41 -11.01
N LEU A 20 16.94 2.94 -10.41
CA LEU A 20 15.89 3.67 -11.11
C LEU A 20 16.27 5.05 -11.63
N SER A 21 17.13 5.75 -10.90
CA SER A 21 17.47 7.16 -11.17
C SER A 21 18.03 7.45 -12.56
N GLU A 22 18.85 6.55 -13.09
CA GLU A 22 19.47 6.71 -14.41
C GLU A 22 18.44 6.71 -15.54
N THR A 23 17.47 5.81 -15.44
CA THR A 23 16.43 5.67 -16.47
C THR A 23 15.47 6.86 -16.52
N ASP A 24 15.07 7.23 -17.73
CA ASP A 24 14.12 8.31 -17.94
C ASP A 24 12.70 7.76 -17.94
N ILE A 25 12.58 6.46 -17.76
CA ILE A 25 11.27 5.79 -17.79
C ILE A 25 10.39 6.27 -16.64
N ALA A 26 9.09 6.34 -16.91
CA ALA A 26 8.15 6.82 -15.93
C ALA A 26 8.14 5.88 -14.74
N VAL A 27 8.08 6.45 -13.55
CA VAL A 27 8.04 5.66 -12.34
C VAL A 27 6.69 5.86 -11.69
N TRP A 28 6.03 4.77 -11.34
CA TRP A 28 4.76 4.88 -10.64
C TRP A 28 5.02 4.60 -9.18
N LEU A 29 4.78 5.61 -8.34
CA LEU A 29 4.97 5.45 -6.91
C LEU A 29 3.60 5.37 -6.26
N TYR A 30 3.37 4.28 -5.54
CA TYR A 30 2.06 4.03 -4.96
C TYR A 30 2.15 3.51 -3.54
N GLY A 31 1.06 3.70 -2.80
CA GLY A 31 0.91 3.20 -1.45
C GLY A 31 -0.03 4.11 -0.69
N ALA A 32 -0.31 3.73 0.55
CA ALA A 32 -1.16 4.53 1.41
C ALA A 32 -0.37 5.79 1.74
N PRO A 33 -1.08 6.87 2.05
CA PRO A 33 -0.42 8.15 2.34
C PRO A 33 0.48 8.03 3.56
N GLY A 34 1.59 8.74 3.55
CA GLY A 34 2.59 8.61 4.59
C GLY A 34 3.51 7.45 4.25
N THR A 35 3.34 6.83 3.11
CA THR A 35 4.26 5.78 2.76
C THR A 35 5.49 6.35 2.16
N GLY A 36 5.59 7.65 2.13
CA GLY A 36 6.80 8.29 1.65
C GLY A 36 7.05 8.23 0.18
N ARG A 37 6.01 8.02 -0.57
CA ARG A 37 6.08 8.01 -2.03
C ARG A 37 6.47 9.39 -2.56
N THR A 39 8.32 11.44 -1.03
CA THR A 39 9.72 11.54 -0.69
C THR A 39 10.62 10.87 -1.70
N GLY A 40 10.12 9.83 -2.31
CA GLY A 40 10.85 9.14 -3.37
C GLY A 40 10.98 9.96 -4.64
N ALA A 41 9.91 10.64 -5.02
CA ALA A 41 9.95 11.43 -6.25
C ALA A 41 10.98 12.55 -6.14
N ARG A 42 10.98 13.25 -5.01
CA ARG A 42 11.95 14.30 -4.79
C ARG A 42 13.35 13.72 -4.76
N TYR A 43 13.48 12.58 -4.07
CA TYR A 43 14.76 11.91 -4.03
C TYR A 43 15.13 11.46 -5.43
N LEU A 44 14.17 10.91 -6.15
CA LEU A 44 14.41 10.50 -7.53
C LEU A 44 14.74 11.70 -8.39
N HIS A 45 13.97 12.78 -8.26
CA HIS A 45 14.27 13.99 -9.01
C HIS A 45 15.60 14.62 -8.60
N GLN A 46 15.87 14.63 -7.30
CA GLN A 46 17.11 15.23 -6.80
C GLN A 46 18.33 14.50 -7.34
N PHE A 47 18.26 13.17 -7.37
CA PHE A 47 19.35 12.34 -7.87
C PHE A 47 19.22 12.13 -9.37
N GLY A 48 18.17 12.68 -9.96
CA GLY A 48 17.95 12.61 -11.39
C GLY A 48 18.95 13.46 -12.14
N ARG A 49 19.20 13.10 -13.41
CA ARG A 49 20.08 13.87 -14.27
C ARG A 49 19.51 15.25 -14.51
N ASN A 50 18.18 15.34 -14.58
CA ASN A 50 17.51 16.61 -14.81
C ASN A 50 17.16 17.35 -13.53
N ALA A 51 17.89 17.06 -12.47
CA ALA A 51 17.68 17.72 -11.18
C ALA A 51 17.57 19.22 -11.38
N GLN A 52 18.38 19.75 -12.29
CA GLN A 52 18.37 21.18 -12.60
C GLN A 52 17.01 21.61 -13.12
N GLY A 53 16.38 20.72 -13.87
CA GLY A 53 15.10 21.00 -14.50
C GLY A 53 14.01 21.22 -13.48
N GLU A 54 12.99 21.98 -13.87
CA GLU A 54 11.93 22.32 -12.94
C GLU A 54 11.25 21.04 -12.48
N PHE A 55 10.95 20.97 -11.20
CA PHE A 55 10.24 19.83 -10.65
C PHE A 55 8.84 20.29 -10.29
N VAL A 56 7.84 19.71 -10.96
CA VAL A 56 6.46 20.11 -10.72
C VAL A 56 5.59 18.91 -10.33
N TYR A 57 4.89 19.04 -9.21
CA TYR A 57 3.96 18.02 -8.77
C TYR A 57 2.56 18.61 -8.73
N ARG A 58 1.63 17.94 -9.39
CA ARG A 58 0.24 18.40 -9.37
C ARG A 58 -0.69 17.30 -8.86
N GLU A 59 -1.55 17.68 -7.91
CA GLU A 59 -2.61 16.81 -7.45
C GLU A 59 -3.83 17.22 -8.25
N LEU A 60 -4.39 16.25 -8.97
CA LEU A 60 -5.37 16.58 -9.99
C LEU A 60 -6.79 16.49 -9.49
N THR A 61 -7.31 17.66 -9.12
CA THR A 61 -8.73 17.87 -8.92
C THR A 61 -9.31 18.02 -10.31
N PRO A 62 -10.62 17.83 -10.44
CA PRO A 62 -11.28 17.96 -11.74
C PRO A 62 -11.19 19.37 -12.32
N ASP A 63 -11.34 20.38 -11.46
CA ASP A 63 -11.28 21.77 -11.89
C ASP A 63 -9.95 22.12 -12.54
N ASN A 64 -8.87 21.57 -12.01
CA ASN A 64 -7.54 21.85 -12.53
C ASN A 64 -7.08 20.83 -13.57
N ALA A 65 -7.74 19.68 -13.60
CA ALA A 65 -7.38 18.61 -14.52
C ALA A 65 -7.35 19.08 -15.97
N PRO A 66 -8.10 20.14 -16.27
CA PRO A 66 -8.19 20.66 -17.63
C PRO A 66 -6.91 21.34 -18.08
N GLN A 67 -6.39 22.27 -17.28
CA GLN A 67 -5.17 22.98 -17.63
C GLN A 67 -3.95 22.07 -17.46
N LEU A 68 -4.00 20.92 -18.11
CA LEU A 68 -2.88 19.97 -18.12
C LEU A 68 -1.65 20.53 -18.82
N ASN A 69 -1.88 21.28 -19.88
CA ASN A 69 -0.82 21.76 -20.76
C ASN A 69 0.18 22.69 -20.07
N ASP A 70 -0.33 23.52 -19.16
CA ASP A 70 0.54 24.46 -18.46
C ASP A 70 1.59 23.69 -17.67
N PHE A 71 1.17 22.59 -17.05
CA PHE A 71 2.12 21.77 -16.30
C PHE A 71 3.19 21.20 -17.22
N ILE A 72 2.79 20.68 -18.38
CA ILE A 72 3.75 20.11 -19.31
C ILE A 72 4.72 21.16 -19.81
N ALA A 73 4.20 22.31 -20.21
CA ALA A 73 5.06 23.41 -20.66
C ALA A 73 5.94 23.96 -19.55
N LEU A 74 5.36 24.22 -18.39
CA LEU A 74 6.10 24.70 -17.23
C LEU A 74 7.11 23.67 -16.73
N ALA A 75 6.69 22.41 -16.76
CA ALA A 75 7.45 21.28 -16.24
C ALA A 75 8.68 20.90 -17.06
N GLN A 76 8.79 21.49 -18.25
CA GLN A 76 9.65 20.99 -19.31
C GLN A 76 11.13 20.93 -18.95
N GLY A 77 11.75 19.84 -19.37
CA GLY A 77 13.18 19.60 -19.15
C GLY A 77 13.50 19.00 -17.79
N GLY A 78 12.44 18.79 -17.01
CA GLY A 78 12.50 18.34 -15.63
C GLY A 78 11.37 17.36 -15.33
N THR A 79 11.45 16.70 -14.18
CA THR A 79 10.46 15.70 -13.79
C THR A 79 9.08 16.29 -13.61
N LEU A 80 8.06 15.55 -14.04
CA LEU A 80 6.68 15.95 -13.83
C LEU A 80 5.97 14.92 -12.95
N VAL A 81 5.36 15.39 -11.87
CA VAL A 81 4.69 14.50 -10.92
C VAL A 81 3.19 14.79 -10.85
N LEU A 82 2.39 13.73 -11.01
CA LEU A 82 0.94 13.87 -10.98
C LEU A 82 0.26 12.73 -10.23
N SER A 83 -0.94 13.01 -9.73
CA SER A 83 -1.72 12.02 -8.99
C SER A 83 -3.17 12.08 -9.43
N HIS A 84 -3.91 10.99 -9.22
CA HIS A 84 -5.29 10.95 -9.68
C HIS A 84 -5.30 11.25 -11.18
N PRO A 85 -4.42 10.57 -11.89
CA PRO A 85 -4.29 10.65 -13.35
C PRO A 85 -5.52 10.08 -14.05
N GLU A 86 -6.32 9.33 -13.29
CA GLU A 86 -7.50 8.63 -13.79
C GLU A 86 -8.52 9.60 -14.34
N HIS A 87 -8.52 10.81 -13.78
CA HIS A 87 -9.41 11.89 -14.17
C HIS A 87 -9.20 12.32 -15.62
N LEU A 88 -7.98 12.18 -16.09
CA LEU A 88 -7.57 12.69 -17.39
C LEU A 88 -8.37 12.07 -18.52
N THR A 89 -8.61 12.88 -19.54
CA THR A 89 -9.33 12.45 -20.73
C THR A 89 -8.50 11.41 -21.47
N ARG A 90 -9.17 10.55 -22.22
CA ARG A 90 -8.48 9.48 -22.92
C ARG A 90 -7.48 10.10 -23.88
N GLU A 91 -7.91 11.18 -24.53
CA GLU A 91 -7.02 11.95 -25.38
C GLU A 91 -5.92 12.57 -24.51
N GLN A 92 -6.29 13.03 -23.32
CA GLN A 92 -5.32 13.56 -22.37
C GLN A 92 -4.33 12.50 -21.93
N GLN A 93 -4.83 11.30 -21.65
CA GLN A 93 -3.96 10.20 -21.26
C GLN A 93 -3.03 9.90 -22.42
N TYR A 94 -3.55 10.00 -23.61
CA TYR A 94 -2.80 9.68 -24.81
C TYR A 94 -1.74 10.70 -25.15
N HIS A 95 -2.05 11.95 -24.88
CA HIS A 95 -1.11 12.99 -25.12
C HIS A 95 0.11 12.64 -24.35
N LEU A 96 -0.06 12.59 -23.04
CA LEU A 96 0.95 12.18 -22.07
C LEU A 96 1.89 11.10 -22.53
N VAL A 97 1.22 10.05 -22.89
CA VAL A 97 1.75 8.77 -23.33
C VAL A 97 2.61 8.89 -24.58
N GLN A 98 2.15 9.69 -25.53
CA GLN A 98 2.88 9.91 -26.78
C GLN A 98 4.25 10.56 -26.57
N LEU A 99 4.29 11.54 -25.66
CA LEU A 99 5.51 12.29 -25.40
C LEU A 99 6.62 11.39 -24.87
N GLN A 100 6.22 10.41 -24.06
CA GLN A 100 7.14 9.47 -23.44
C GLN A 100 7.87 8.62 -24.47
N SER A 101 7.20 8.38 -25.58
CA SER A 101 7.64 7.46 -26.65
C SER A 101 8.96 7.87 -27.30
N GLN A 102 9.20 9.16 -27.42
CA GLN A 102 10.37 9.66 -28.11
C GLN A 102 11.62 9.14 -27.41
N GLU A 103 12.70 8.99 -28.17
CA GLU A 103 13.91 8.39 -27.64
C GLU A 103 14.43 9.24 -26.50
N HIS A 104 14.38 10.55 -26.66
CA HIS A 104 14.74 11.45 -25.58
C HIS A 104 13.47 12.05 -25.02
N ARG A 105 13.20 11.78 -23.76
CA ARG A 105 11.98 12.27 -23.12
C ARG A 105 12.01 13.78 -22.91
N PRO A 106 10.90 14.43 -23.18
CA PRO A 106 10.76 15.86 -22.87
C PRO A 106 10.85 16.07 -21.37
N PHE A 107 10.20 15.18 -20.62
CA PHE A 107 10.21 15.24 -19.17
C PHE A 107 10.19 13.85 -18.57
N ARG A 108 10.72 13.73 -17.35
CA ARG A 108 10.60 12.47 -16.62
C ARG A 108 9.25 12.49 -15.93
N LEU A 109 8.48 11.42 -16.12
CA LEU A 109 7.13 11.38 -15.58
C LEU A 109 6.99 10.39 -14.43
N ILE A 110 6.54 10.89 -13.29
CA ILE A 110 6.36 10.05 -12.11
C ILE A 110 4.90 10.08 -11.70
N GLY A 111 4.34 8.89 -11.49
CA GLY A 111 2.94 8.79 -11.10
C GLY A 111 2.82 8.33 -9.67
N ILE A 112 2.08 9.10 -8.88
CA ILE A 112 1.94 8.80 -7.46
C ILE A 112 0.55 8.29 -7.21
N GLY A 113 0.46 7.08 -6.65
CA GLY A 113 -0.82 6.46 -6.41
C GLY A 113 -0.92 5.72 -5.10
N ASP A 114 -2.14 5.67 -4.57
CA ASP A 114 -2.44 4.88 -3.37
C ASP A 114 -2.21 3.40 -3.65
N THR A 115 -2.52 3.00 -4.89
CA THR A 115 -2.48 1.60 -5.30
C THR A 115 -1.72 1.45 -6.60
N SER A 116 -1.33 0.21 -6.89
CA SER A 116 -0.63 -0.10 -8.12
C SER A 116 -1.59 0.18 -9.27
N LEU A 117 -1.02 0.46 -10.42
CA LEU A 117 -1.81 0.91 -11.49
C LEU A 117 -2.87 -0.10 -11.70
N VAL A 118 -2.45 -1.32 -11.91
CA VAL A 118 -3.35 -2.36 -12.34
C VAL A 118 -4.66 -2.38 -11.60
N GLU A 119 -4.58 -2.08 -10.34
CA GLU A 119 -5.75 -2.16 -9.53
C GLU A 119 -6.49 -0.87 -9.68
N LEU A 120 -5.82 0.14 -10.21
CA LEU A 120 -6.46 1.38 -10.50
C LEU A 120 -7.01 1.19 -11.85
N ALA A 121 -6.15 0.87 -12.79
CA ALA A 121 -6.59 0.61 -14.13
C ALA A 121 -7.78 -0.31 -14.13
N ALA A 122 -7.75 -1.37 -13.36
CA ALA A 122 -8.93 -2.22 -13.34
C ALA A 122 -10.11 -1.49 -12.69
N SER A 123 -9.87 -0.90 -11.52
CA SER A 123 -10.94 -0.24 -10.77
C SER A 123 -11.51 0.96 -11.51
N ASN A 124 -10.61 1.79 -12.03
CA ASN A 124 -10.99 2.91 -12.88
C ASN A 124 -10.24 2.75 -14.18
N HIS A 125 -10.93 2.87 -15.31
CA HIS A 125 -10.30 2.57 -16.58
C HIS A 125 -9.12 3.49 -16.85
N ILE A 126 -8.01 2.87 -17.24
CA ILE A 126 -6.80 3.55 -17.69
C ILE A 126 -6.38 2.96 -19.03
N ILE A 127 -6.04 3.81 -19.99
CA ILE A 127 -5.70 3.33 -21.32
C ILE A 127 -4.44 2.46 -21.30
N ALA A 128 -4.41 1.45 -22.16
CA ALA A 128 -3.36 0.44 -22.13
C ALA A 128 -2.00 1.07 -22.38
N GLU A 129 -1.96 2.01 -23.32
CA GLU A 129 -0.72 2.69 -23.68
C GLU A 129 -0.13 3.43 -22.49
N LEU A 130 -0.99 4.13 -21.76
CA LEU A 130 -0.58 4.83 -20.54
C LEU A 130 -0.05 3.81 -19.55
N TYR A 131 -0.72 2.67 -19.48
CA TYR A 131 -0.34 1.58 -18.60
C TYR A 131 1.04 1.02 -18.94
N TYR A 132 1.36 1.03 -20.23
CA TYR A 132 2.52 0.33 -20.74
C TYR A 132 3.82 0.83 -20.13
N CYS A 133 3.99 2.15 -20.05
CA CYS A 133 5.14 2.72 -19.37
C CYS A 133 5.05 2.35 -17.90
N PHE A 134 3.84 2.43 -17.37
CA PHE A 134 3.60 2.23 -15.95
C PHE A 134 3.95 0.84 -15.43
N ALA A 135 3.68 -0.18 -16.23
CA ALA A 135 3.71 -1.55 -15.72
C ALA A 135 5.07 -1.96 -15.18
N THR A 137 7.41 0.16 -14.21
CA THR A 137 7.83 1.14 -13.20
C THR A 137 6.92 1.24 -11.95
N GLN A 138 5.94 0.41 -11.86
CA GLN A 138 5.05 0.60 -10.77
C GLN A 138 5.57 -0.01 -9.47
N ILE A 139 5.73 0.86 -8.47
CA ILE A 139 6.49 0.59 -7.26
C ILE A 139 5.65 0.88 -6.02
N ALA A 140 5.95 0.19 -4.93
CA ALA A 140 5.31 0.49 -3.66
C ALA A 140 6.32 1.20 -2.78
N CYS A 141 6.00 2.45 -2.44
CA CYS A 141 6.92 3.27 -1.66
C CYS A 141 7.09 2.75 -0.25
N LEU A 142 8.31 2.83 0.25
CA LEU A 142 8.62 2.46 1.63
C LEU A 142 9.28 3.65 2.32
N PRO A 143 8.84 3.94 3.54
CA PRO A 143 9.33 5.10 4.29
C PRO A 143 10.82 5.01 4.62
N LEU A 144 11.60 5.92 4.08
CA LEU A 144 13.04 5.95 4.33
C LEU A 144 13.36 6.50 5.72
N THR A 145 12.33 6.78 6.50
CA THR A 145 12.51 7.31 7.84
C THR A 145 12.72 6.18 8.85
N GLN B 12 -29.89 -7.60 9.20
CA GLN B 12 -29.35 -6.26 9.36
C GLN B 12 -29.59 -5.43 8.11
N TYR B 13 -29.49 -6.07 6.95
CA TYR B 13 -29.70 -5.39 5.68
C TYR B 13 -31.13 -4.85 5.56
N ARG B 14 -32.09 -5.59 6.10
CA ARG B 14 -33.49 -5.31 5.85
C ARG B 14 -33.92 -3.93 6.33
N ARG B 15 -33.45 -3.51 7.50
CA ARG B 15 -33.92 -2.23 8.00
C ARG B 15 -33.55 -1.12 7.04
N ARG B 16 -32.33 -1.11 6.55
CA ARG B 16 -31.98 -0.07 5.60
C ARG B 16 -32.83 -0.20 4.34
N LEU B 17 -32.88 -1.39 3.76
CA LEU B 17 -33.67 -1.54 2.55
C LEU B 17 -35.15 -1.29 2.79
N GLN B 18 -35.72 -1.98 3.77
CA GLN B 18 -37.12 -1.76 4.09
C GLN B 18 -37.35 -0.35 4.60
N GLN B 19 -36.53 0.07 5.55
CA GLN B 19 -36.57 1.45 6.02
C GLN B 19 -36.17 2.40 4.91
N LEU B 20 -35.14 2.03 4.16
CA LEU B 20 -34.61 2.86 3.08
C LEU B 20 -35.64 3.08 1.97
N SER B 21 -36.40 2.05 1.65
CA SER B 21 -37.34 2.13 0.54
C SER B 21 -38.40 3.20 0.76
N GLU B 22 -38.91 3.30 1.99
CA GLU B 22 -39.86 4.35 2.31
C GLU B 22 -39.23 5.73 2.20
N THR B 23 -38.02 5.88 2.71
CA THR B 23 -37.32 7.16 2.68
C THR B 23 -36.86 7.56 1.28
N ASP B 24 -36.89 8.86 1.00
CA ASP B 24 -36.42 9.39 -0.27
C ASP B 24 -34.95 9.85 -0.19
N ILE B 25 -34.35 9.71 0.98
CA ILE B 25 -32.99 10.18 1.23
C ILE B 25 -31.96 9.42 0.39
N ALA B 26 -30.93 10.15 -0.05
CA ALA B 26 -29.87 9.54 -0.83
C ALA B 26 -29.18 8.51 0.04
N VAL B 27 -28.90 7.36 -0.54
CA VAL B 27 -28.21 6.29 0.17
C VAL B 27 -26.92 5.97 -0.55
N TRP B 28 -25.84 5.82 0.20
CA TRP B 28 -24.59 5.42 -0.41
C TRP B 28 -24.38 3.93 -0.17
N LEU B 29 -24.26 3.16 -1.24
CA LEU B 29 -24.00 1.74 -1.11
C LEU B 29 -22.60 1.38 -1.60
N TYR B 30 -21.82 0.70 -0.78
CA TYR B 30 -20.53 0.20 -1.25
C TYR B 30 -20.33 -1.28 -1.06
N GLY B 31 -19.20 -1.78 -1.48
CA GLY B 31 -18.97 -3.18 -1.41
C GLY B 31 -18.17 -3.62 -2.60
N ALA B 32 -17.98 -4.91 -2.71
CA ALA B 32 -17.13 -5.40 -3.72
C ALA B 32 -17.98 -5.80 -4.83
N PRO B 33 -17.41 -5.70 -6.01
CA PRO B 33 -18.00 -6.22 -7.23
C PRO B 33 -18.76 -7.48 -6.97
N GLY B 34 -20.06 -7.33 -6.87
CA GLY B 34 -20.98 -8.46 -6.78
C GLY B 34 -21.36 -8.73 -5.34
N THR B 35 -21.01 -7.81 -4.46
CA THR B 35 -21.32 -7.93 -3.04
C THR B 35 -22.78 -7.61 -2.77
N ARG B 37 -25.68 -4.56 -4.50
CA ARG B 37 -25.41 -3.13 -4.66
C ARG B 37 -26.14 -2.56 -5.87
N THR B 39 -28.29 -4.31 -7.41
CA THR B 39 -29.62 -4.79 -7.05
C THR B 39 -30.25 -3.88 -6.00
N GLY B 40 -29.41 -3.36 -5.11
CA GLY B 40 -29.87 -2.60 -3.96
C GLY B 40 -30.60 -1.34 -4.35
N ALA B 41 -30.12 -0.70 -5.41
CA ALA B 41 -30.72 0.52 -5.89
C ALA B 41 -32.15 0.27 -6.34
N ARG B 42 -32.37 -0.87 -7.00
CA ARG B 42 -33.68 -1.19 -7.53
C ARG B 42 -34.73 -1.30 -6.44
N TYR B 43 -34.37 -1.99 -5.36
CA TYR B 43 -35.29 -2.14 -4.22
C TYR B 43 -35.53 -0.78 -3.60
N LEU B 44 -34.50 0.04 -3.53
CA LEU B 44 -34.62 1.38 -2.99
C LEU B 44 -35.51 2.21 -3.92
N HIS B 45 -35.34 2.02 -5.22
CA HIS B 45 -36.12 2.74 -6.22
C HIS B 45 -37.51 2.16 -6.37
N GLN B 46 -38.13 1.82 -5.23
CA GLN B 46 -39.47 1.26 -5.23
C GLN B 46 -40.30 1.85 -4.09
N ARG B 58 -25.39 5.39 -14.61
CA ARG B 58 -24.55 6.07 -13.66
C ARG B 58 -23.16 5.47 -13.55
N GLU B 59 -22.39 5.57 -14.62
CA GLU B 59 -20.96 5.28 -14.63
C GLU B 59 -20.18 6.33 -15.34
N LEU B 60 -19.40 7.04 -14.57
CA LEU B 60 -18.82 8.32 -14.98
C LEU B 60 -17.35 8.22 -15.36
N THR B 61 -17.01 8.87 -16.48
CA THR B 61 -15.64 8.95 -16.98
C THR B 61 -15.35 10.39 -17.37
N PRO B 62 -14.07 10.75 -17.43
CA PRO B 62 -13.69 12.14 -17.62
C PRO B 62 -14.21 12.71 -18.94
N ASP B 63 -14.06 11.97 -20.02
CA ASP B 63 -14.69 12.34 -21.29
C ASP B 63 -16.20 12.29 -21.13
N ASN B 64 -16.65 11.27 -20.42
CA ASN B 64 -18.08 11.01 -20.16
C ASN B 64 -18.82 12.07 -19.34
N ALA B 65 -18.11 12.70 -18.42
CA ALA B 65 -18.66 13.47 -17.30
C ALA B 65 -19.55 14.69 -17.59
N PRO B 66 -19.31 15.36 -18.71
CA PRO B 66 -19.90 16.67 -18.99
C PRO B 66 -21.44 16.69 -19.04
N GLN B 67 -22.04 15.65 -19.60
CA GLN B 67 -23.48 15.62 -19.82
C GLN B 67 -24.26 15.16 -18.61
N LEU B 68 -23.88 15.63 -17.43
CA LEU B 68 -24.59 15.28 -16.21
C LEU B 68 -25.99 15.86 -16.24
N ASN B 69 -26.22 16.83 -17.13
CA ASN B 69 -27.52 17.48 -17.21
C ASN B 69 -28.55 16.60 -17.91
N ASP B 70 -28.02 15.92 -18.93
CA ASP B 70 -28.69 15.02 -19.85
C ASP B 70 -29.33 13.91 -19.09
N PHE B 71 -28.78 13.67 -17.91
CA PHE B 71 -29.12 12.54 -17.08
C PHE B 71 -30.14 12.93 -16.04
N ILE B 72 -29.79 13.95 -15.29
CA ILE B 72 -30.67 14.53 -14.29
C ILE B 72 -31.95 14.97 -14.98
N ALA B 73 -31.79 15.32 -16.23
CA ALA B 73 -32.90 15.69 -17.05
C ALA B 73 -33.55 14.41 -17.51
N LEU B 74 -32.75 13.54 -18.11
CA LEU B 74 -33.22 12.24 -18.53
C LEU B 74 -33.52 11.38 -17.34
N ALA B 75 -33.24 11.90 -16.16
CA ALA B 75 -33.69 11.19 -14.97
C ALA B 75 -35.10 11.57 -14.55
N GLN B 76 -35.57 12.72 -15.00
CA GLN B 76 -36.90 13.19 -14.65
C GLN B 76 -37.07 13.31 -13.14
N GLY B 77 -37.99 12.54 -12.59
CA GLY B 77 -38.25 12.57 -11.16
C GLY B 77 -38.77 11.25 -10.64
N LEU B 82 -24.82 6.71 -8.91
CA LEU B 82 -23.66 7.39 -9.47
C LEU B 82 -22.36 6.67 -9.07
N SER B 83 -21.80 5.93 -9.98
CA SER B 83 -20.62 5.16 -9.66
C SER B 83 -19.43 6.04 -9.29
N HIS B 84 -19.20 7.07 -10.08
CA HIS B 84 -18.00 7.88 -9.90
C HIS B 84 -18.35 9.34 -9.60
N PRO B 85 -18.73 9.58 -8.35
CA PRO B 85 -19.01 10.92 -7.82
C PRO B 85 -17.78 11.82 -7.87
N GLU B 86 -16.61 11.20 -7.72
CA GLU B 86 -15.33 11.90 -7.59
C GLU B 86 -15.02 12.74 -8.81
N HIS B 87 -15.48 12.28 -9.97
CA HIS B 87 -15.23 12.97 -11.23
C HIS B 87 -15.85 14.36 -11.28
N LEU B 88 -17.00 14.52 -10.62
CA LEU B 88 -17.73 15.77 -10.67
C LEU B 88 -16.93 16.91 -10.07
N THR B 89 -17.02 18.06 -10.71
CA THR B 89 -16.35 19.28 -10.26
C THR B 89 -17.05 19.82 -9.04
N ARG B 90 -16.38 20.71 -8.32
CA ARG B 90 -16.95 21.29 -7.12
C ARG B 90 -18.21 22.04 -7.51
N GLU B 91 -18.14 22.77 -8.63
CA GLU B 91 -19.32 23.45 -9.14
C GLU B 91 -20.37 22.43 -9.53
N GLN B 92 -19.95 21.38 -10.23
CA GLN B 92 -20.86 20.30 -10.60
C GLN B 92 -21.38 19.62 -9.35
N GLN B 93 -20.48 19.37 -8.42
CA GLN B 93 -20.92 18.83 -7.17
C GLN B 93 -21.75 19.91 -6.50
N TYR B 94 -21.24 21.14 -6.52
CA TYR B 94 -21.95 22.30 -5.99
C TYR B 94 -23.30 22.40 -6.69
N HIS B 95 -23.31 22.08 -7.98
CA HIS B 95 -24.52 22.16 -8.79
C HIS B 95 -25.60 21.19 -8.30
N LEU B 96 -25.17 20.17 -7.56
CA LEU B 96 -26.09 19.17 -7.04
C LEU B 96 -26.76 19.66 -5.77
N VAL B 97 -27.36 20.85 -5.85
CA VAL B 97 -28.04 21.45 -4.70
C VAL B 97 -28.31 22.93 -4.94
N PRO B 106 -37.09 16.12 -5.86
CA PRO B 106 -36.96 15.75 -7.28
C PRO B 106 -36.59 14.28 -7.44
N PHE B 107 -35.32 14.00 -7.69
CA PHE B 107 -34.86 12.62 -7.85
C PHE B 107 -33.89 12.21 -6.75
N ARG B 108 -34.17 11.07 -6.11
CA ARG B 108 -33.34 10.56 -5.04
C ARG B 108 -31.99 10.09 -5.56
N LEU B 109 -30.97 10.22 -4.72
CA LEU B 109 -29.62 9.86 -5.13
C LEU B 109 -29.15 8.63 -4.37
N ILE B 110 -28.74 7.63 -5.14
CA ILE B 110 -28.13 6.45 -4.56
C ILE B 110 -26.68 6.50 -4.97
N GLY B 111 -25.78 6.39 -3.99
CA GLY B 111 -24.37 6.44 -4.30
C GLY B 111 -23.76 5.06 -4.25
N ILE B 112 -23.11 4.66 -5.33
CA ILE B 112 -22.45 3.36 -5.37
C ILE B 112 -20.93 3.49 -5.45
N GLY B 113 -20.24 2.91 -4.48
CA GLY B 113 -18.80 2.92 -4.45
C GLY B 113 -18.22 1.64 -3.92
N ASP B 114 -17.00 1.31 -4.37
CA ASP B 114 -16.30 0.13 -3.88
C ASP B 114 -16.01 0.29 -2.40
N THR B 115 -15.67 1.50 -2.01
CA THR B 115 -15.32 1.82 -0.65
C THR B 115 -16.43 2.69 -0.09
N SER B 116 -16.44 2.86 1.22
CA SER B 116 -17.42 3.74 1.84
C SER B 116 -17.17 5.13 1.29
N LEU B 117 -18.22 5.92 1.17
CA LEU B 117 -18.12 7.22 0.54
C LEU B 117 -17.13 8.12 1.27
N VAL B 118 -17.17 8.07 2.60
CA VAL B 118 -16.31 8.94 3.39
C VAL B 118 -14.85 8.62 3.13
N GLU B 119 -14.52 7.34 3.10
CA GLU B 119 -13.16 6.94 2.76
C GLU B 119 -12.85 7.34 1.32
N LEU B 120 -13.79 7.08 0.42
CA LEU B 120 -13.66 7.54 -0.96
C LEU B 120 -13.66 9.07 -1.01
N ALA B 121 -14.53 9.68 -0.22
CA ALA B 121 -14.64 11.14 -0.19
C ALA B 121 -13.36 11.80 0.30
N ALA B 122 -12.73 11.19 1.30
CA ALA B 122 -11.50 11.73 1.85
C ALA B 122 -10.37 11.76 0.83
N SER B 123 -10.23 10.67 0.08
CA SER B 123 -9.13 10.52 -0.89
C SER B 123 -9.54 10.96 -2.29
N ASN B 124 -10.75 11.46 -2.42
CA ASN B 124 -11.30 11.78 -3.73
C ASN B 124 -11.88 13.18 -3.77
N HIS B 125 -12.20 13.65 -4.94
CA HIS B 125 -12.89 14.89 -5.15
C HIS B 125 -14.35 14.82 -4.73
N ILE B 126 -14.63 14.73 -3.44
CA ILE B 126 -16.02 14.73 -3.01
C ILE B 126 -16.22 15.88 -2.07
N ILE B 127 -16.97 16.90 -2.50
CA ILE B 127 -17.12 18.05 -1.62
C ILE B 127 -17.66 17.65 -0.25
N ALA B 128 -17.18 18.31 0.79
CA ALA B 128 -17.66 18.04 2.13
C ALA B 128 -19.14 18.38 2.24
N GLU B 129 -19.54 19.49 1.64
CA GLU B 129 -20.96 19.81 1.53
C GLU B 129 -21.70 18.80 0.66
N LEU B 130 -21.09 18.40 -0.43
CA LEU B 130 -21.58 17.32 -1.28
C LEU B 130 -21.58 15.99 -0.54
N TYR B 131 -20.59 15.82 0.34
CA TYR B 131 -20.37 14.60 1.11
C TYR B 131 -21.50 14.27 2.09
N TYR B 132 -22.19 15.30 2.56
CA TYR B 132 -23.08 15.23 3.70
C TYR B 132 -24.30 14.29 3.60
N CYS B 133 -24.87 14.17 2.42
CA CYS B 133 -26.10 13.39 2.23
C CYS B 133 -25.94 11.92 2.59
N PHE B 134 -24.79 11.35 2.25
CA PHE B 134 -24.58 9.91 2.36
C PHE B 134 -24.01 9.45 3.70
N ALA B 135 -23.77 10.37 4.62
CA ALA B 135 -23.05 10.03 5.84
C ALA B 135 -23.79 8.96 6.66
N THR B 137 -26.40 7.66 5.12
CA THR B 137 -27.06 7.04 3.98
C THR B 137 -26.22 6.02 3.21
N GLN B 138 -25.06 5.65 3.75
CA GLN B 138 -24.19 4.71 3.06
C GLN B 138 -24.06 3.38 3.81
N ILE B 139 -24.31 2.28 3.11
CA ILE B 139 -24.33 0.96 3.73
C ILE B 139 -23.61 -0.12 2.90
N ALA B 140 -23.09 -1.13 3.60
CA ALA B 140 -22.50 -2.30 2.95
C ALA B 140 -23.59 -3.18 2.32
N CYS B 141 -23.25 -3.83 1.21
CA CYS B 141 -24.23 -4.64 0.49
C CYS B 141 -23.82 -6.11 0.37
N LEU B 142 -24.79 -6.99 0.60
CA LEU B 142 -24.56 -8.43 0.48
C LEU B 142 -25.54 -9.05 -0.51
N PRO B 143 -25.04 -9.99 -1.31
CA PRO B 143 -25.87 -10.66 -2.32
C PRO B 143 -27.06 -11.39 -1.70
N GLU C 8 -13.71 35.64 4.22
CA GLU C 8 -14.30 34.82 5.27
C GLU C 8 -15.75 35.21 5.53
N TRP C 9 -15.96 36.15 6.43
CA TRP C 9 -17.31 36.51 6.86
C TRP C 9 -18.17 37.05 5.71
N ILE C 10 -17.58 37.84 4.84
CA ILE C 10 -18.36 38.48 3.78
C ILE C 10 -19.00 37.42 2.90
N ASN C 11 -18.22 36.41 2.52
CA ASN C 11 -18.79 35.27 1.82
C ASN C 11 -19.03 34.07 2.73
N GLN C 12 -18.03 33.70 3.52
CA GLN C 12 -18.12 32.48 4.32
C GLN C 12 -19.21 32.45 5.40
N TYR C 13 -19.28 33.50 6.21
CA TYR C 13 -20.28 33.51 7.28
C TYR C 13 -21.38 34.58 7.13
N ARG C 14 -21.00 35.81 6.83
CA ARG C 14 -21.97 36.88 6.81
C ARG C 14 -23.06 36.60 5.78
N ARG C 15 -22.66 36.20 4.58
CA ARG C 15 -23.63 35.92 3.53
C ARG C 15 -24.54 34.75 3.86
N ARG C 16 -23.95 33.67 4.39
CA ARG C 16 -24.71 32.45 4.67
C ARG C 16 -25.81 32.65 5.72
N LEU C 17 -25.48 33.38 6.78
CA LEU C 17 -26.41 33.58 7.89
C LEU C 17 -27.67 34.32 7.48
N GLN C 18 -27.51 35.31 6.60
CA GLN C 18 -28.62 36.14 6.15
C GLN C 18 -29.67 35.32 5.42
N GLN C 19 -29.21 34.36 4.62
CA GLN C 19 -30.11 33.57 3.79
C GLN C 19 -30.96 32.60 4.59
N LEU C 20 -30.53 32.30 5.81
CA LEU C 20 -31.24 31.36 6.67
C LEU C 20 -32.53 31.96 7.21
N SER C 21 -32.53 33.28 7.42
CA SER C 21 -33.70 33.97 7.93
C SER C 21 -34.89 33.73 7.01
N GLU C 22 -34.62 33.73 5.71
CA GLU C 22 -35.65 33.58 4.69
C GLU C 22 -36.33 32.22 4.79
N THR C 23 -35.56 31.20 5.14
CA THR C 23 -36.07 29.84 5.26
C THR C 23 -36.08 29.37 6.71
N ASP C 24 -37.08 28.56 7.04
CA ASP C 24 -37.32 28.12 8.41
C ASP C 24 -36.69 26.76 8.73
N ILE C 25 -35.84 26.29 7.83
CA ILE C 25 -35.19 25.00 8.00
C ILE C 25 -34.27 25.00 9.22
N ALA C 26 -34.17 23.84 9.86
CA ALA C 26 -33.38 23.70 11.08
C ALA C 26 -31.91 23.96 10.84
N VAL C 27 -31.27 24.59 11.81
CA VAL C 27 -29.85 24.91 11.74
C VAL C 27 -29.09 24.25 12.87
N TRP C 28 -27.95 23.65 12.54
CA TRP C 28 -27.04 23.13 13.56
C TRP C 28 -25.74 23.93 13.57
N LEU C 29 -25.38 24.45 14.73
CA LEU C 29 -24.18 25.26 14.84
C LEU C 29 -23.17 24.66 15.82
N TYR C 30 -21.94 24.58 15.34
CA TYR C 30 -20.81 24.07 16.10
C TYR C 30 -19.69 25.03 16.31
N GLY C 31 -19.14 24.95 17.51
CA GLY C 31 -18.04 25.77 17.92
C GLY C 31 -17.64 25.41 19.32
N ALA C 32 -16.71 26.16 19.84
CA ALA C 32 -16.10 25.99 21.14
C ALA C 32 -16.72 27.05 22.04
N PRO C 33 -16.65 26.86 23.35
CA PRO C 33 -17.22 27.85 24.26
C PRO C 33 -16.53 29.19 24.07
N GLY C 34 -17.30 30.26 24.13
CA GLY C 34 -16.83 31.58 23.74
C GLY C 34 -17.00 31.72 22.24
N THR C 35 -17.63 30.70 21.66
CA THR C 35 -17.97 30.68 20.25
C THR C 35 -18.95 31.81 19.98
N GLY C 36 -19.75 32.15 20.98
CA GLY C 36 -20.80 33.14 20.79
C GLY C 36 -21.76 32.66 19.73
N ARG C 37 -22.05 31.36 19.77
CA ARG C 37 -22.97 30.70 18.85
C ARG C 37 -24.37 31.26 19.01
N THR C 39 -25.47 34.26 19.29
CA THR C 39 -25.79 35.42 18.48
C THR C 39 -26.38 35.00 17.14
N GLY C 40 -25.80 33.96 16.54
CA GLY C 40 -26.27 33.49 15.26
C GLY C 40 -27.70 33.02 15.37
N ALA C 41 -28.00 32.29 16.44
CA ALA C 41 -29.34 31.82 16.67
C ALA C 41 -30.28 33.00 16.87
N ARG C 42 -29.83 33.99 17.63
CA ARG C 42 -30.62 35.18 17.88
C ARG C 42 -30.89 35.90 16.56
N TYR C 43 -29.85 36.02 15.74
CA TYR C 43 -30.00 36.73 14.49
C TYR C 43 -31.04 36.04 13.62
N LEU C 44 -30.96 34.73 13.65
CA LEU C 44 -31.76 33.85 12.86
C LEU C 44 -33.21 33.91 13.21
N HIS C 45 -33.46 33.90 14.49
CA HIS C 45 -34.77 34.08 15.09
C HIS C 45 -35.20 35.53 15.00
N GLN C 46 -34.28 36.43 15.31
CA GLN C 46 -34.59 37.85 15.34
C GLN C 46 -35.00 38.37 13.97
N PHE C 47 -34.23 38.01 12.95
CA PHE C 47 -34.53 38.44 11.60
C PHE C 47 -35.38 37.40 10.87
N GLY C 48 -35.65 36.29 11.57
CA GLY C 48 -36.55 35.26 11.09
C GLY C 48 -38.01 35.69 11.18
N ARG C 49 -38.85 35.01 10.41
CA ARG C 49 -40.30 35.17 10.49
C ARG C 49 -40.79 34.74 11.86
N ASN C 50 -40.03 33.86 12.48
CA ASN C 50 -40.38 33.20 13.74
C ASN C 50 -40.10 34.08 14.95
N ALA C 51 -39.78 35.34 14.68
CA ALA C 51 -39.37 36.30 15.70
C ALA C 51 -40.46 36.52 16.74
N GLN C 52 -41.71 36.47 16.32
CA GLN C 52 -42.85 36.67 17.21
C GLN C 52 -42.85 35.62 18.29
N GLY C 53 -42.52 34.39 17.92
CA GLY C 53 -42.39 33.32 18.89
C GLY C 53 -41.23 33.60 19.81
N GLU C 54 -41.29 33.12 21.02
CA GLU C 54 -40.25 33.34 21.98
C GLU C 54 -38.98 32.67 21.51
N PHE C 55 -37.85 33.32 21.74
CA PHE C 55 -36.59 32.63 21.46
C PHE C 55 -36.40 31.53 22.50
N VAL C 56 -36.09 30.31 22.06
CA VAL C 56 -35.91 29.22 23.01
C VAL C 56 -34.56 28.51 22.90
N TYR C 57 -33.81 28.51 23.99
CA TYR C 57 -32.58 27.75 24.09
C TYR C 57 -32.64 26.88 25.33
N ARG C 58 -32.39 25.59 25.14
CA ARG C 58 -32.33 24.67 26.28
C ARG C 58 -31.13 23.75 26.13
N GLU C 59 -30.51 23.38 27.24
CA GLU C 59 -29.42 22.42 27.21
C GLU C 59 -29.96 21.08 27.66
N LEU C 60 -29.94 20.09 26.76
CA LEU C 60 -30.50 18.79 27.04
C LEU C 60 -29.73 18.05 28.14
N THR C 61 -30.48 17.43 29.03
CA THR C 61 -29.91 16.64 30.11
C THR C 61 -30.82 15.45 30.37
N PRO C 62 -30.29 14.40 30.98
CA PRO C 62 -31.12 13.22 31.23
C PRO C 62 -32.28 13.61 32.13
N ASP C 63 -31.99 14.35 33.20
CA ASP C 63 -33.05 14.90 34.02
C ASP C 63 -33.85 15.89 33.19
N ASN C 64 -33.09 16.71 32.49
CA ASN C 64 -33.62 17.79 31.73
C ASN C 64 -34.50 17.22 30.66
N ALA C 65 -34.10 16.10 30.12
CA ALA C 65 -34.86 15.53 29.04
C ALA C 65 -35.84 14.49 29.56
N LEU C 68 -38.96 17.95 27.13
CA LEU C 68 -38.87 18.24 25.71
C LEU C 68 -40.23 18.59 25.13
N ASN C 69 -41.24 17.78 25.46
CA ASN C 69 -42.59 18.00 24.94
C ASN C 69 -43.14 19.34 25.41
N ASP C 70 -42.84 19.69 26.67
CA ASP C 70 -43.23 20.98 27.23
C ASP C 70 -42.54 22.12 26.48
N PHE C 71 -41.27 21.88 26.12
CA PHE C 71 -40.42 22.88 25.49
C PHE C 71 -40.93 23.33 24.12
N ILE C 72 -41.53 22.41 23.39
CA ILE C 72 -41.97 22.68 22.03
C ILE C 72 -43.01 23.79 21.99
N ALA C 73 -43.91 23.77 22.96
CA ALA C 73 -44.99 24.76 23.03
C ALA C 73 -44.48 26.18 23.20
N LEU C 74 -43.49 26.36 24.06
CA LEU C 74 -42.88 27.67 24.26
C LEU C 74 -42.24 28.09 22.95
N ALA C 75 -41.60 27.14 22.28
CA ALA C 75 -40.95 27.41 21.00
C ALA C 75 -42.00 27.58 19.92
N GLN C 76 -43.15 26.96 20.13
CA GLN C 76 -44.26 27.09 19.19
C GLN C 76 -44.22 28.48 18.59
N GLY C 77 -44.11 29.48 19.46
CA GLY C 77 -44.03 30.86 19.02
C GLY C 77 -42.71 31.13 18.33
N GLY C 78 -41.62 31.02 19.08
CA GLY C 78 -40.32 31.34 18.54
C GLY C 78 -39.62 30.16 17.91
N THR C 79 -38.41 29.90 18.37
CA THR C 79 -37.57 28.86 17.81
C THR C 79 -37.11 27.92 18.91
N LEU C 80 -36.85 26.67 18.55
CA LEU C 80 -36.34 25.71 19.51
C LEU C 80 -34.85 25.51 19.30
N VAL C 81 -34.07 25.84 20.32
CA VAL C 81 -32.62 25.66 20.26
C VAL C 81 -32.17 24.66 21.31
N LEU C 82 -31.45 23.63 20.90
CA LEU C 82 -31.05 22.56 21.80
C LEU C 82 -29.59 22.13 21.67
N SER C 83 -29.05 21.59 22.76
CA SER C 83 -27.68 21.11 22.81
C SER C 83 -27.64 19.82 23.64
N HIS C 84 -26.68 18.97 23.35
CA HIS C 84 -26.63 17.73 24.03
C HIS C 84 -27.85 16.95 23.66
N PRO C 85 -28.11 16.97 22.38
CA PRO C 85 -29.28 16.39 21.71
C PRO C 85 -29.42 14.88 21.90
N GLU C 86 -28.34 14.19 22.24
CA GLU C 86 -28.43 12.76 22.42
C GLU C 86 -29.54 12.38 23.35
N HIS C 87 -29.54 13.03 24.48
CA HIS C 87 -30.36 12.60 25.60
C HIS C 87 -31.77 12.18 25.19
N LEU C 88 -32.31 12.88 24.20
CA LEU C 88 -33.68 12.65 23.81
C LEU C 88 -33.78 11.20 23.37
N THR C 89 -34.93 10.60 23.64
CA THR C 89 -35.14 9.21 23.30
C THR C 89 -35.18 9.12 21.78
N ARG C 90 -35.04 7.92 21.25
CA ARG C 90 -35.02 7.75 19.82
C ARG C 90 -36.36 8.31 19.34
N GLU C 91 -37.39 8.04 20.13
CA GLU C 91 -38.71 8.61 19.88
C GLU C 91 -38.66 10.12 20.00
N GLN C 92 -37.93 10.60 21.01
CA GLN C 92 -37.84 12.03 21.24
C GLN C 92 -37.19 12.72 20.05
N GLN C 93 -36.11 12.13 19.53
CA GLN C 93 -35.48 12.67 18.35
C GLN C 93 -36.46 12.62 17.18
N TYR C 94 -37.18 11.50 17.10
CA TYR C 94 -38.17 11.31 16.05
C TYR C 94 -39.29 12.33 16.16
N HIS C 95 -39.64 12.69 17.39
CA HIS C 95 -40.72 13.61 17.64
C HIS C 95 -40.37 14.95 17.00
N LEU C 96 -39.13 15.36 17.14
CA LEU C 96 -38.66 16.58 16.50
C LEU C 96 -38.75 16.39 14.99
N VAL C 97 -38.33 15.22 14.52
CA VAL C 97 -38.35 14.94 13.09
C VAL C 97 -39.77 14.97 12.54
N GLN C 98 -40.69 14.33 13.24
CA GLN C 98 -42.08 14.33 12.79
C GLN C 98 -42.63 15.75 12.81
N LEU C 99 -42.38 16.48 13.89
CA LEU C 99 -42.76 17.88 13.97
C LEU C 99 -42.01 18.73 12.96
N GLN C 100 -40.71 18.48 12.83
CA GLN C 100 -39.87 19.17 11.86
C GLN C 100 -40.35 18.87 10.44
N SER C 101 -40.78 17.62 10.27
CA SER C 101 -41.24 17.07 8.99
C SER C 101 -42.49 17.72 8.38
N GLN C 102 -43.34 18.26 9.23
CA GLN C 102 -44.65 18.74 8.81
C GLN C 102 -44.53 19.89 7.82
N GLU C 103 -45.58 20.10 7.03
CA GLU C 103 -45.56 21.09 5.96
C GLU C 103 -45.32 22.46 6.55
N HIS C 104 -45.97 22.72 7.69
CA HIS C 104 -45.71 23.94 8.43
C HIS C 104 -45.07 23.54 9.76
N ARG C 105 -43.91 24.13 10.04
CA ARG C 105 -43.22 23.84 11.29
C ARG C 105 -43.64 24.83 12.36
N PRO C 106 -43.96 24.31 13.54
CA PRO C 106 -44.36 25.17 14.66
C PRO C 106 -43.23 26.08 15.08
N PHE C 107 -42.02 25.53 15.17
CA PHE C 107 -40.86 26.28 15.59
C PHE C 107 -39.65 25.93 14.74
N ARG C 108 -38.78 26.90 14.53
CA ARG C 108 -37.52 26.63 13.86
C ARG C 108 -36.70 25.76 14.80
N LEU C 109 -35.97 24.80 14.24
CA LEU C 109 -35.14 23.94 15.07
C LEU C 109 -33.68 24.32 14.91
N ILE C 110 -33.05 24.68 16.02
CA ILE C 110 -31.65 25.09 16.01
C ILE C 110 -30.82 24.18 16.89
N GLY C 111 -29.69 23.71 16.36
CA GLY C 111 -28.80 22.84 17.11
C GLY C 111 -27.49 23.52 17.43
N ILE C 112 -27.09 23.48 18.70
CA ILE C 112 -25.82 24.07 19.09
C ILE C 112 -24.84 23.00 19.54
N GLY C 113 -23.67 22.95 18.91
CA GLY C 113 -22.65 22.04 19.34
C GLY C 113 -21.24 22.40 18.99
N ASP C 114 -20.29 21.92 19.76
CA ASP C 114 -18.88 22.20 19.53
C ASP C 114 -18.30 21.41 18.38
N THR C 115 -19.00 20.38 18.01
CA THR C 115 -18.56 19.57 16.87
C THR C 115 -19.66 19.41 15.84
N SER C 116 -19.26 19.10 14.61
CA SER C 116 -20.20 18.98 13.50
C SER C 116 -21.14 17.82 13.75
N LEU C 117 -22.34 17.91 13.18
CA LEU C 117 -23.39 16.95 13.47
C LEU C 117 -22.93 15.55 13.08
N VAL C 118 -22.25 15.44 11.94
CA VAL C 118 -21.65 14.15 11.58
C VAL C 118 -20.57 13.75 12.59
N GLU C 119 -19.71 14.70 12.94
CA GLU C 119 -18.64 14.44 13.89
C GLU C 119 -19.19 13.89 15.19
N LEU C 120 -20.50 14.05 15.41
CA LEU C 120 -21.14 13.60 16.64
C LEU C 120 -22.07 12.41 16.41
N ALA C 121 -22.54 12.26 15.17
CA ALA C 121 -23.47 11.19 14.82
C ALA C 121 -22.93 9.83 15.25
N ALA C 122 -21.63 9.76 15.45
CA ALA C 122 -20.98 8.52 15.90
C ALA C 122 -21.18 8.32 17.39
N SER C 123 -20.40 9.06 18.19
CA SER C 123 -20.51 8.98 19.63
C SER C 123 -21.97 9.05 20.07
N ASN C 124 -22.42 10.26 20.38
CA ASN C 124 -23.82 10.46 20.76
C ASN C 124 -24.75 9.80 19.76
N HIS C 125 -25.79 9.14 20.27
CA HIS C 125 -26.72 8.42 19.41
C HIS C 125 -27.85 9.29 18.88
N ILE C 126 -27.73 9.71 17.63
CA ILE C 126 -28.79 10.47 16.96
C ILE C 126 -29.38 9.62 15.85
N ILE C 127 -30.70 9.45 15.87
CA ILE C 127 -31.37 8.73 14.82
C ILE C 127 -31.09 9.47 13.54
N ALA C 128 -30.86 8.77 12.46
CA ALA C 128 -30.54 9.44 11.21
C ALA C 128 -31.72 10.26 10.75
N GLU C 129 -32.92 9.77 11.06
CA GLU C 129 -34.16 10.41 10.61
C GLU C 129 -34.22 11.86 11.11
N LEU C 130 -33.49 12.10 12.18
CA LEU C 130 -33.32 13.43 12.74
C LEU C 130 -32.08 14.11 12.17
N TYR C 131 -30.95 13.44 12.25
CA TYR C 131 -29.74 13.96 11.67
C TYR C 131 -30.03 14.70 10.37
N TYR C 132 -30.85 14.09 9.52
CA TYR C 132 -31.13 14.68 8.21
C TYR C 132 -32.13 15.84 8.24
N CYS C 133 -32.61 16.16 9.43
CA CYS C 133 -33.36 17.40 9.62
C CYS C 133 -32.40 18.58 9.44
N PHE C 134 -31.14 18.33 9.77
CA PHE C 134 -30.04 19.29 9.58
C PHE C 134 -28.77 18.58 9.16
N ALA C 135 -28.81 17.94 7.99
CA ALA C 135 -27.68 17.14 7.53
C ALA C 135 -26.70 17.99 6.75
N THR C 137 -26.56 21.75 6.57
CA THR C 137 -26.38 23.06 7.08
C THR C 137 -25.84 22.95 8.44
N GLN C 138 -24.59 22.56 8.52
CA GLN C 138 -23.89 22.70 9.75
C GLN C 138 -23.00 23.89 9.52
N ILE C 139 -22.97 24.84 10.44
CA ILE C 139 -22.26 26.09 10.21
C ILE C 139 -21.23 26.51 11.25
N ALA C 140 -20.01 26.75 10.78
CA ALA C 140 -18.88 27.29 11.53
C ALA C 140 -19.09 28.78 11.90
N CYS C 141 -19.08 29.09 13.19
CA CYS C 141 -19.49 30.41 13.69
C CYS C 141 -18.38 31.45 13.83
N ARG D 16 -5.44 32.59 -4.93
CA ARG D 16 -4.13 33.12 -4.57
C ARG D 16 -3.04 32.08 -4.77
N LEU D 17 -3.14 30.97 -4.04
CA LEU D 17 -2.15 29.91 -4.13
C LEU D 17 -1.53 29.82 -5.51
N GLN D 18 -2.37 29.75 -6.54
CA GLN D 18 -1.90 29.67 -7.92
C GLN D 18 -0.98 30.85 -8.23
N GLN D 19 -1.51 32.06 -8.07
CA GLN D 19 -0.71 33.26 -8.22
C GLN D 19 0.41 33.26 -7.19
N LEU D 20 0.07 32.88 -5.97
CA LEU D 20 1.00 32.82 -4.85
C LEU D 20 2.12 31.79 -5.06
N SER D 21 1.79 30.68 -5.71
CA SER D 21 2.72 29.57 -5.85
C SER D 21 4.00 29.93 -6.62
N GLU D 22 3.86 30.75 -7.66
CA GLU D 22 5.02 31.12 -8.46
C GLU D 22 6.10 31.91 -7.70
N THR D 23 5.65 32.86 -6.89
CA THR D 23 6.55 33.77 -6.18
C THR D 23 7.35 33.10 -5.07
N ASP D 24 8.54 33.64 -4.82
CA ASP D 24 9.38 33.20 -3.72
C ASP D 24 9.15 34.08 -2.50
N ILE D 25 8.17 34.98 -2.62
CA ILE D 25 7.88 35.96 -1.58
C ILE D 25 7.39 35.34 -0.28
N ALA D 26 7.78 35.94 0.84
CA ALA D 26 7.36 35.46 2.15
C ALA D 26 5.84 35.60 2.30
N VAL D 27 5.24 34.58 2.91
CA VAL D 27 3.81 34.59 3.14
C VAL D 27 3.54 34.43 4.63
N TRP D 28 2.66 35.29 5.16
CA TRP D 28 2.28 35.17 6.56
C TRP D 28 0.83 34.73 6.66
N LEU D 29 0.63 33.76 7.52
CA LEU D 29 -0.68 33.25 7.75
C LEU D 29 -0.99 33.26 9.20
N TYR D 30 -2.10 33.88 9.51
CA TYR D 30 -2.66 33.83 10.82
C TYR D 30 -4.08 33.37 10.66
N GLY D 31 -4.49 32.64 11.67
CA GLY D 31 -5.84 32.18 11.92
C GLY D 31 -5.93 31.49 13.27
N ALA D 32 -7.14 31.39 13.79
CA ALA D 32 -7.39 30.55 14.94
C ALA D 32 -7.22 29.14 14.41
N PRO D 33 -6.91 28.19 15.28
CA PRO D 33 -6.59 26.84 14.83
C PRO D 33 -7.76 26.21 14.08
N GLY D 34 -7.45 25.44 13.05
CA GLY D 34 -8.48 24.90 12.17
C GLY D 34 -8.79 25.96 11.14
N THR D 35 -8.03 27.05 11.23
CA THR D 35 -7.98 28.09 10.22
C THR D 35 -7.43 27.49 8.94
N GLY D 36 -6.69 26.39 9.09
CA GLY D 36 -6.07 25.72 7.97
C GLY D 36 -4.72 26.29 7.61
N ARG D 37 -4.20 27.18 8.45
CA ARG D 37 -2.92 27.80 8.18
C ARG D 37 -1.83 26.75 8.13
N THR D 39 -2.44 23.69 7.36
CA THR D 39 -2.79 23.03 6.12
C THR D 39 -2.31 23.84 4.92
N GLY D 40 -2.50 25.16 5.02
CA GLY D 40 -2.17 26.07 3.93
C GLY D 40 -0.69 26.12 3.58
N ALA D 41 0.16 26.04 4.59
CA ALA D 41 1.60 26.17 4.39
C ALA D 41 2.14 25.04 3.51
N ARG D 42 1.60 23.84 3.68
CA ARG D 42 2.06 22.69 2.91
C ARG D 42 1.84 22.90 1.42
N TYR D 43 0.70 23.50 1.08
CA TYR D 43 0.34 23.74 -0.30
C TYR D 43 1.28 24.68 -1.05
N LEU D 44 1.67 25.77 -0.40
CA LEU D 44 2.51 26.76 -1.05
C LEU D 44 3.86 26.19 -1.46
N HIS D 45 4.48 25.42 -0.57
CA HIS D 45 5.74 24.77 -0.90
C HIS D 45 5.55 23.77 -2.04
N GLN D 46 4.50 22.97 -1.95
CA GLN D 46 4.28 21.89 -2.90
C GLN D 46 4.06 22.35 -4.34
N PHE D 47 3.21 23.36 -4.52
CA PHE D 47 2.90 23.88 -5.84
C PHE D 47 3.86 25.01 -6.19
N GLY D 48 4.74 25.32 -5.25
CA GLY D 48 5.82 26.26 -5.48
C GLY D 48 6.86 25.65 -6.39
N ARG D 49 7.66 26.52 -7.01
CA ARG D 49 8.76 26.13 -7.88
C ARG D 49 9.84 25.35 -7.13
N ASN D 50 9.98 25.68 -5.84
CA ASN D 50 11.02 25.11 -4.98
C ASN D 50 10.50 23.96 -4.13
N ALA D 51 9.48 23.29 -4.65
CA ALA D 51 8.77 22.22 -3.97
C ALA D 51 9.66 21.02 -3.61
N GLN D 52 10.70 20.81 -4.42
CA GLN D 52 11.58 19.66 -4.26
C GLN D 52 12.30 19.67 -2.91
N GLY D 53 12.65 20.86 -2.44
CA GLY D 53 13.35 21.00 -1.19
C GLY D 53 12.50 20.52 -0.04
N GLU D 54 13.14 19.94 0.97
CA GLU D 54 12.42 19.38 2.11
C GLU D 54 11.67 20.46 2.89
N PHE D 55 10.45 20.13 3.31
CA PHE D 55 9.66 21.03 4.15
C PHE D 55 10.33 21.12 5.51
N VAL D 56 10.49 22.34 6.01
CA VAL D 56 11.16 22.55 7.29
C VAL D 56 10.37 23.46 8.24
N TYR D 57 9.38 22.90 8.90
CA TYR D 57 8.56 23.68 9.81
C TYR D 57 8.89 23.34 11.25
N ARG D 58 9.20 24.37 12.01
CA ARG D 58 9.47 24.22 13.43
C ARG D 58 8.76 25.28 14.23
N GLU D 59 8.35 24.95 15.46
CA GLU D 59 7.71 25.93 16.32
C GLU D 59 8.73 26.44 17.32
N LEU D 60 8.99 27.75 17.23
CA LEU D 60 10.03 28.41 17.97
C LEU D 60 9.77 28.47 19.47
N THR D 61 10.84 28.34 20.22
CA THR D 61 10.84 28.47 21.66
C THR D 61 12.10 29.24 22.02
N PRO D 62 12.14 29.83 23.20
CA PRO D 62 13.29 30.65 23.56
C PRO D 62 14.53 29.78 23.53
N ASP D 63 14.45 28.60 24.12
CA ASP D 63 15.51 27.62 24.00
C ASP D 63 15.65 27.19 22.55
N ASN D 64 14.49 26.93 21.93
CA ASN D 64 14.42 26.48 20.54
C ASN D 64 14.92 27.51 19.53
N ALA D 65 14.65 28.78 19.83
CA ALA D 65 14.88 29.90 18.93
C ALA D 65 16.35 30.07 18.57
N PRO D 66 17.22 29.74 19.51
CA PRO D 66 18.65 30.02 19.35
C PRO D 66 19.27 29.31 18.15
N GLN D 67 18.90 28.06 17.90
CA GLN D 67 19.42 27.39 16.72
C GLN D 67 18.56 27.71 15.50
N LEU D 68 18.37 29.01 15.25
CA LEU D 68 17.62 29.46 14.09
C LEU D 68 18.29 29.09 12.76
N ASN D 69 19.62 29.15 12.74
CA ASN D 69 20.41 28.99 11.52
C ASN D 69 20.28 27.64 10.83
N ASP D 70 20.15 26.58 11.64
CA ASP D 70 20.10 25.23 11.10
C ASP D 70 18.90 25.01 10.18
N PHE D 71 17.77 25.60 10.54
CA PHE D 71 16.56 25.45 9.76
C PHE D 71 16.81 26.02 8.36
N ILE D 72 17.49 27.15 8.32
CA ILE D 72 17.82 27.80 7.06
C ILE D 72 18.73 26.93 6.22
N ALA D 73 19.66 26.23 6.86
CA ALA D 73 20.56 25.34 6.16
C ALA D 73 19.81 24.19 5.49
N LEU D 74 18.89 23.59 6.22
CA LEU D 74 18.06 22.49 5.72
C LEU D 74 17.14 22.93 4.60
N ALA D 75 16.62 24.14 4.73
CA ALA D 75 15.56 24.67 3.86
C ALA D 75 16.05 25.67 2.82
N GLN D 76 17.36 25.63 2.62
CA GLN D 76 17.99 26.39 1.59
C GLN D 76 17.69 25.61 0.37
N GLY D 77 16.83 26.12 -0.48
CA GLY D 77 16.47 25.39 -1.66
C GLY D 77 15.04 24.91 -1.61
N GLY D 78 14.43 25.01 -0.44
CA GLY D 78 13.05 24.63 -0.28
C GLY D 78 12.19 25.75 0.23
N THR D 79 11.49 25.49 1.32
CA THR D 79 10.65 26.42 2.05
C THR D 79 10.92 26.38 3.54
N LEU D 80 10.99 27.53 4.18
CA LEU D 80 11.18 27.58 5.63
C LEU D 80 9.93 28.09 6.33
N VAL D 81 9.40 27.30 7.27
CA VAL D 81 8.20 27.68 8.00
C VAL D 81 8.48 27.78 9.49
N LEU D 82 8.06 28.90 10.10
CA LEU D 82 8.35 29.17 11.50
C LEU D 82 7.14 29.68 12.29
N SER D 83 7.16 29.44 13.60
CA SER D 83 6.08 29.86 14.49
C SER D 83 6.67 30.33 15.81
N HIS D 84 5.90 31.11 16.57
CA HIS D 84 6.46 31.68 17.79
C HIS D 84 7.71 32.48 17.43
N PRO D 85 7.54 33.36 16.45
CA PRO D 85 8.59 34.23 15.92
C PRO D 85 9.10 35.25 16.94
N GLU D 86 8.27 35.54 17.94
CA GLU D 86 8.57 36.54 18.96
C GLU D 86 9.80 36.14 19.78
N HIS D 87 9.98 34.84 19.92
CA HIS D 87 11.12 34.27 20.64
C HIS D 87 12.44 34.64 19.98
N LEU D 88 12.41 34.73 18.67
CA LEU D 88 13.61 34.98 17.88
C LEU D 88 14.19 36.32 18.28
N THR D 89 15.52 36.38 18.33
CA THR D 89 16.20 37.61 18.66
C THR D 89 15.98 38.61 17.54
N ARG D 90 16.06 39.89 17.86
CA ARG D 90 15.86 40.93 16.86
C ARG D 90 16.92 40.77 15.78
N GLU D 91 18.14 40.43 16.22
CA GLU D 91 19.21 40.14 15.29
C GLU D 91 18.88 38.91 14.45
N GLN D 92 18.27 37.91 15.08
CA GLN D 92 17.93 36.69 14.37
C GLN D 92 16.94 37.01 13.26
N GLN D 93 15.99 37.89 13.58
CA GLN D 93 15.00 38.36 12.62
C GLN D 93 15.68 39.14 11.50
N TYR D 94 16.73 39.87 11.85
CA TYR D 94 17.47 40.68 10.89
C TYR D 94 18.05 39.79 9.81
N HIS D 95 18.50 38.61 10.22
CA HIS D 95 19.16 37.66 9.33
C HIS D 95 18.22 37.21 8.23
N LEU D 96 16.97 36.99 8.59
CA LEU D 96 15.95 36.58 7.63
C LEU D 96 15.74 37.66 6.57
N VAL D 97 15.75 38.92 7.00
CA VAL D 97 15.57 40.03 6.08
C VAL D 97 16.69 40.06 5.06
N GLN D 98 17.92 39.85 5.52
CA GLN D 98 19.07 39.85 4.63
C GLN D 98 18.98 38.72 3.61
N LEU D 99 18.64 37.52 4.08
CA LEU D 99 18.44 36.40 3.18
C LEU D 99 17.24 36.61 2.25
N GLN D 100 16.14 37.13 2.79
CA GLN D 100 14.96 37.44 2.00
C GLN D 100 15.29 38.51 0.96
N SER D 101 16.13 39.45 1.38
CA SER D 101 16.61 40.55 0.55
C SER D 101 17.44 40.06 -0.63
N GLN D 102 18.09 38.92 -0.47
CA GLN D 102 19.07 38.44 -1.42
C GLN D 102 18.49 38.19 -2.82
N GLU D 103 19.30 38.45 -3.84
CA GLU D 103 18.82 38.49 -5.21
C GLU D 103 18.27 37.14 -5.62
N HIS D 104 18.96 36.09 -5.21
CA HIS D 104 18.47 34.72 -5.31
C HIS D 104 18.30 34.21 -3.89
N ARG D 105 17.14 33.66 -3.59
CA ARG D 105 16.84 33.24 -2.21
C ARG D 105 16.99 31.73 -2.06
N PRO D 106 17.78 31.34 -1.08
CA PRO D 106 17.97 29.91 -0.80
C PRO D 106 16.68 29.24 -0.36
N PHE D 107 15.93 29.91 0.51
CA PHE D 107 14.69 29.34 1.05
C PHE D 107 13.51 30.32 0.96
N ARG D 108 12.35 29.79 0.63
CA ARG D 108 11.10 30.56 0.70
C ARG D 108 10.71 30.75 2.16
N LEU D 109 10.08 31.88 2.48
CA LEU D 109 9.69 32.15 3.87
C LEU D 109 8.18 32.19 4.10
N ILE D 110 7.71 31.40 5.07
CA ILE D 110 6.29 31.36 5.43
C ILE D 110 6.08 31.60 6.92
N GLY D 111 5.09 32.42 7.27
CA GLY D 111 4.80 32.71 8.66
C GLY D 111 3.41 32.29 9.13
N ILE D 112 3.32 31.65 10.29
CA ILE D 112 2.02 31.29 10.86
C ILE D 112 1.76 31.94 12.21
N GLY D 113 0.68 32.72 12.30
CA GLY D 113 0.25 33.29 13.56
C GLY D 113 -1.26 33.37 13.67
N ASP D 114 -1.77 33.11 14.87
CA ASP D 114 -3.21 33.23 15.11
C ASP D 114 -3.65 34.68 14.96
N THR D 115 -2.89 35.57 15.56
CA THR D 115 -3.15 37.01 15.49
C THR D 115 -2.78 37.59 14.13
N SER D 116 -3.38 38.73 13.80
CA SER D 116 -2.99 39.45 12.60
C SER D 116 -1.55 39.90 12.78
N LEU D 117 -0.81 40.00 11.68
CA LEU D 117 0.57 40.45 11.73
C LEU D 117 0.66 41.79 12.44
N VAL D 118 -0.21 42.72 12.07
CA VAL D 118 -0.23 44.05 12.65
C VAL D 118 -0.87 44.02 14.04
N GLU D 119 -0.47 43.03 14.83
CA GLU D 119 -1.01 42.89 16.19
C GLU D 119 0.08 42.44 17.16
N ILE D 127 11.75 43.17 14.92
CA ILE D 127 12.30 44.07 13.92
C ILE D 127 11.22 44.59 12.99
N ALA D 128 11.46 45.74 12.38
CA ALA D 128 10.50 46.36 11.48
C ALA D 128 10.78 46.00 10.02
N GLU D 129 12.07 45.96 9.67
CA GLU D 129 12.46 45.64 8.30
C GLU D 129 11.77 44.40 7.76
N LEU D 130 11.59 43.40 8.63
CA LEU D 130 10.93 42.16 8.25
C LEU D 130 9.50 42.45 7.83
N TYR D 131 8.89 43.41 8.52
CA TYR D 131 7.49 43.75 8.30
C TYR D 131 7.21 44.25 6.88
N TYR D 132 8.12 45.03 6.33
CA TYR D 132 7.88 45.60 5.01
C TYR D 132 7.74 44.50 3.96
N CYS D 133 8.58 43.49 4.05
CA CYS D 133 8.46 42.32 3.18
C CYS D 133 7.17 41.52 3.43
N PHE D 134 6.80 41.36 4.70
CA PHE D 134 5.68 40.49 5.08
C PHE D 134 4.33 41.19 5.16
N ALA D 135 4.34 42.51 5.00
CA ALA D 135 3.14 43.33 5.14
C ALA D 135 2.08 42.98 4.11
N THR D 137 1.39 40.12 2.48
CA THR D 137 0.73 38.82 2.54
C THR D 137 0.36 38.38 3.95
N GLN D 138 -0.83 38.76 4.39
CA GLN D 138 -1.33 38.35 5.70
C GLN D 138 -2.54 37.45 5.54
N ARG E 6 2.62 14.72 7.84
CA ARG E 6 3.63 13.69 8.05
C ARG E 6 3.58 13.16 9.48
N SER E 7 3.86 14.04 10.44
CA SER E 7 3.77 13.68 11.85
C SER E 7 2.33 13.33 12.21
N GLU E 8 1.40 14.08 11.62
CA GLU E 8 -0.03 13.87 11.81
C GLU E 8 -0.50 12.52 11.30
N TRP E 9 0.09 12.05 10.21
CA TRP E 9 -0.35 10.84 9.52
C TRP E 9 -0.25 9.58 10.36
N ILE E 10 0.83 9.45 11.11
CA ILE E 10 1.05 8.26 11.92
C ILE E 10 -0.02 8.08 12.99
N ASN E 11 -0.45 9.21 13.57
CA ASN E 11 -1.38 9.20 14.70
C ASN E 11 -2.73 8.59 14.36
N GLN E 12 -3.21 8.86 13.16
CA GLN E 12 -4.50 8.32 12.72
C GLN E 12 -4.47 6.80 12.68
N TYR E 13 -3.37 6.25 12.20
CA TYR E 13 -3.20 4.81 12.15
C TYR E 13 -3.25 4.27 13.56
N ARG E 14 -2.55 4.95 14.48
CA ARG E 14 -2.58 4.56 15.87
C ARG E 14 -3.97 4.72 16.45
N ARG E 15 -4.63 5.83 16.13
CA ARG E 15 -5.98 6.07 16.62
C ARG E 15 -6.97 5.05 16.08
N ARG E 16 -6.89 4.76 14.78
CA ARG E 16 -7.74 3.74 14.19
C ARG E 16 -7.41 2.38 14.79
N LEU E 17 -6.12 2.11 14.96
CA LEU E 17 -5.68 0.86 15.57
C LEU E 17 -6.22 0.81 16.99
N GLN E 18 -6.18 1.94 17.68
CA GLN E 18 -6.71 2.03 19.03
C GLN E 18 -8.21 1.77 19.04
N GLN E 19 -8.93 2.37 18.11
CA GLN E 19 -10.37 2.16 18.01
C GLN E 19 -10.70 0.72 17.66
N LEU E 20 -9.90 0.13 16.77
CA LEU E 20 -10.11 -1.26 16.35
C LEU E 20 -9.97 -2.26 17.50
N SER E 21 -9.06 -1.96 18.42
CA SER E 21 -8.63 -2.91 19.45
C SER E 21 -9.72 -3.39 20.42
N GLU E 22 -10.57 -2.48 20.86
CA GLU E 22 -11.56 -2.81 21.87
C GLU E 22 -12.50 -3.88 21.35
N THR E 23 -12.90 -3.73 20.09
CA THR E 23 -13.78 -4.69 19.43
C THR E 23 -13.06 -6.00 19.13
N ASP E 24 -13.82 -7.08 19.06
CA ASP E 24 -13.31 -8.37 18.63
C ASP E 24 -13.50 -8.52 17.13
N ILE E 25 -14.02 -7.47 16.52
CA ILE E 25 -14.31 -7.43 15.09
C ILE E 25 -13.08 -7.66 14.22
N ALA E 26 -13.24 -8.46 13.18
CA ALA E 26 -12.15 -8.74 12.26
C ALA E 26 -11.76 -7.49 11.51
N VAL E 27 -10.46 -7.31 11.31
CA VAL E 27 -9.95 -6.17 10.57
C VAL E 27 -9.00 -6.68 9.50
N TRP E 28 -8.98 -6.00 8.37
CA TRP E 28 -8.07 -6.35 7.31
C TRP E 28 -6.93 -5.35 7.30
N LEU E 29 -5.70 -5.84 7.43
CA LEU E 29 -4.54 -4.95 7.36
C LEU E 29 -3.76 -5.22 6.08
N TYR E 30 -3.65 -4.19 5.24
CA TYR E 30 -2.95 -4.33 3.98
C TYR E 30 -1.80 -3.36 3.83
N GLY E 31 -0.71 -3.86 3.30
CA GLY E 31 0.39 -3.03 2.91
C GLY E 31 1.38 -3.78 2.05
N ALA E 32 2.43 -3.11 1.65
CA ALA E 32 3.49 -3.75 0.98
C ALA E 32 4.33 -4.19 2.10
N PRO E 33 5.32 -4.98 1.80
CA PRO E 33 6.24 -5.47 2.79
C PRO E 33 7.19 -4.40 3.23
N GLY E 34 7.45 -4.35 4.52
CA GLY E 34 8.14 -3.28 5.21
C GLY E 34 7.17 -2.23 5.72
N THR E 35 5.92 -2.59 5.77
CA THR E 35 4.85 -1.69 6.13
C THR E 35 4.50 -1.87 7.57
N GLY E 36 5.24 -2.73 8.21
CA GLY E 36 4.99 -3.06 9.60
C GLY E 36 3.60 -3.63 9.81
N ARG E 37 3.13 -4.40 8.84
CA ARG E 37 1.82 -5.05 8.94
C ARG E 37 1.74 -6.07 10.07
N THR E 39 3.50 -6.26 12.88
CA THR E 39 3.55 -5.62 14.19
C THR E 39 2.19 -5.08 14.59
N GLY E 40 1.44 -4.59 13.61
CA GLY E 40 0.12 -4.06 13.84
C GLY E 40 -0.82 -5.13 14.37
N ALA E 41 -0.70 -6.34 13.83
CA ALA E 41 -1.49 -7.48 14.27
C ALA E 41 -1.16 -7.83 15.72
N ARG E 42 0.13 -7.76 16.05
CA ARG E 42 0.62 -8.02 17.39
C ARG E 42 0.07 -7.01 18.38
N TYR E 43 -0.09 -5.77 17.93
CA TYR E 43 -0.58 -4.69 18.76
C TYR E 43 -1.98 -5.00 19.24
N LEU E 44 -2.80 -5.54 18.35
CA LEU E 44 -4.17 -5.87 18.71
C LEU E 44 -4.22 -6.95 19.80
N HIS E 45 -3.40 -7.97 19.68
CA HIS E 45 -3.41 -9.06 20.65
C HIS E 45 -3.03 -8.59 22.05
N GLN E 46 -1.94 -7.84 22.14
CA GLN E 46 -1.51 -7.30 23.44
C GLN E 46 -2.53 -6.32 24.00
N PHE E 47 -3.01 -5.43 23.14
CA PHE E 47 -3.94 -4.38 23.53
C PHE E 47 -5.38 -4.73 23.16
N GLY E 48 -5.61 -5.98 22.79
CA GLY E 48 -6.93 -6.42 22.38
C GLY E 48 -7.75 -6.93 23.53
N ARG E 49 -9.04 -7.15 23.28
CA ARG E 49 -9.93 -7.67 24.30
C ARG E 49 -9.49 -9.06 24.74
N ASN E 50 -9.28 -9.94 23.77
CA ASN E 50 -8.82 -11.29 24.05
C ASN E 50 -7.29 -11.35 24.08
N ALA E 51 -6.65 -10.63 24.97
CA ALA E 51 -5.19 -10.59 24.95
C ALA E 51 -4.46 -11.78 25.52
N GLN E 52 -5.15 -12.66 26.22
CA GLN E 52 -4.47 -13.66 27.04
C GLN E 52 -4.78 -15.09 26.67
N GLU E 54 -4.43 -17.17 22.69
CA GLU E 54 -3.42 -17.65 21.76
C GLU E 54 -3.44 -16.85 20.49
N PHE E 55 -2.28 -16.58 19.93
CA PHE E 55 -2.19 -15.69 18.81
C PHE E 55 -1.51 -16.40 17.70
N VAL E 56 -2.21 -16.61 16.58
CA VAL E 56 -1.64 -17.45 15.54
C VAL E 56 -1.59 -16.75 14.18
N TYR E 57 -0.44 -16.78 13.52
CA TYR E 57 -0.37 -16.30 12.14
C TYR E 57 0.12 -17.39 11.19
N ARG E 58 -0.65 -17.66 10.15
CA ARG E 58 -0.23 -18.63 9.14
C ARG E 58 -0.28 -18.05 7.73
N GLU E 59 0.81 -18.17 7.01
CA GLU E 59 0.82 -17.86 5.58
C GLU E 59 0.01 -18.94 4.88
N LEU E 60 -0.70 -18.54 3.84
CA LEU E 60 -1.67 -19.42 3.21
C LEU E 60 -1.21 -19.89 1.86
N THR E 61 -1.22 -21.20 1.68
CA THR E 61 -0.83 -21.84 0.45
C THR E 61 -1.83 -22.94 0.16
N PRO E 62 -1.90 -23.37 -1.09
CA PRO E 62 -2.84 -24.43 -1.48
C PRO E 62 -2.53 -25.73 -0.74
N ASP E 63 -1.25 -26.03 -0.59
CA ASP E 63 -0.82 -27.22 0.13
C ASP E 63 -1.24 -27.20 1.60
N ASN E 64 -1.08 -26.04 2.24
CA ASN E 64 -1.42 -25.87 3.65
C ASN E 64 -2.82 -25.31 3.90
N ALA E 65 -3.57 -25.09 2.81
CA ALA E 65 -4.92 -24.54 2.88
C ALA E 65 -5.92 -25.42 3.64
N PRO E 66 -5.74 -26.73 3.50
CA PRO E 66 -6.64 -27.74 4.07
C PRO E 66 -6.73 -27.71 5.60
N GLN E 67 -5.66 -27.25 6.23
CA GLN E 67 -5.42 -27.40 7.66
C GLN E 67 -5.98 -26.25 8.48
N LEU E 68 -6.82 -25.43 7.86
CA LEU E 68 -7.30 -24.20 8.48
C LEU E 68 -8.06 -24.49 9.76
N ASN E 69 -8.81 -25.58 9.78
CA ASN E 69 -9.66 -25.92 10.90
C ASN E 69 -8.84 -26.13 12.17
N ASP E 70 -7.67 -26.72 12.00
CA ASP E 70 -6.74 -26.90 13.12
C ASP E 70 -6.34 -25.54 13.65
N PHE E 71 -6.09 -24.60 12.74
CA PHE E 71 -5.77 -23.24 13.12
C PHE E 71 -6.95 -22.63 13.87
N ILE E 72 -8.15 -22.94 13.40
CA ILE E 72 -9.34 -22.37 14.01
C ILE E 72 -9.42 -22.82 15.47
N ALA E 73 -9.12 -24.09 15.71
CA ALA E 73 -9.14 -24.63 17.06
C ALA E 73 -8.11 -23.96 17.95
N LEU E 74 -6.90 -23.82 17.42
CA LEU E 74 -5.80 -23.17 18.14
C LEU E 74 -6.13 -21.70 18.38
N ALA E 75 -6.76 -21.09 17.38
CA ALA E 75 -7.09 -19.67 17.39
C ALA E 75 -8.05 -19.29 18.52
N GLN E 76 -8.99 -20.19 18.84
CA GLN E 76 -10.08 -19.84 19.74
C GLN E 76 -9.57 -19.42 21.11
N GLY E 77 -10.10 -18.29 21.59
CA GLY E 77 -9.63 -17.67 22.81
C GLY E 77 -8.38 -16.86 22.49
N GLY E 78 -7.99 -16.88 21.23
CA GLY E 78 -6.82 -16.18 20.75
C GLY E 78 -7.02 -15.60 19.37
N THR E 79 -6.22 -14.59 19.02
CA THR E 79 -6.29 -13.94 17.72
C THR E 79 -5.82 -14.85 16.59
N LEU E 80 -6.39 -14.68 15.40
CA LEU E 80 -5.94 -15.40 14.22
C LEU E 80 -5.52 -14.45 13.10
N VAL E 81 -4.32 -14.66 12.57
CA VAL E 81 -3.80 -13.83 11.48
C VAL E 81 -3.53 -14.66 10.23
N LEU E 82 -4.02 -14.20 9.09
CA LEU E 82 -3.94 -14.98 7.85
C LEU E 82 -3.33 -14.18 6.70
N SER E 83 -2.53 -14.86 5.89
CA SER E 83 -1.90 -14.23 4.73
C SER E 83 -2.14 -15.07 3.49
N HIS E 84 -2.37 -14.42 2.36
CA HIS E 84 -2.73 -15.13 1.15
C HIS E 84 -3.97 -15.91 1.35
N PRO E 85 -4.89 -15.23 1.99
CA PRO E 85 -6.21 -15.77 2.33
C PRO E 85 -6.98 -16.22 1.08
N GLU E 86 -6.57 -15.72 -0.07
CA GLU E 86 -7.22 -16.01 -1.34
C GLU E 86 -7.19 -17.51 -1.65
N HIS E 87 -6.17 -18.17 -1.14
CA HIS E 87 -5.94 -19.59 -1.41
C HIS E 87 -7.06 -20.50 -0.92
N LEU E 88 -7.66 -20.11 0.20
CA LEU E 88 -8.65 -20.94 0.86
C LEU E 88 -9.85 -21.19 -0.04
N THR E 89 -10.45 -22.36 0.10
CA THR E 89 -11.60 -22.73 -0.70
C THR E 89 -12.81 -21.89 -0.30
N ARG E 90 -13.78 -21.78 -1.20
CA ARG E 90 -14.95 -20.96 -0.96
C ARG E 90 -15.68 -21.48 0.26
N GLU E 91 -15.74 -22.80 0.36
CA GLU E 91 -16.44 -23.45 1.47
C GLU E 91 -15.78 -23.09 2.80
N GLN E 92 -14.45 -23.06 2.79
CA GLN E 92 -13.69 -22.70 3.98
C GLN E 92 -13.98 -21.27 4.44
N GLN E 93 -14.07 -20.36 3.47
CA GLN E 93 -14.35 -18.96 3.78
C GLN E 93 -15.72 -18.81 4.44
N TYR E 94 -16.70 -19.56 3.94
CA TYR E 94 -18.04 -19.53 4.49
C TYR E 94 -18.03 -19.99 5.93
N HIS E 95 -17.19 -20.99 6.21
CA HIS E 95 -17.06 -21.56 7.54
C HIS E 95 -16.55 -20.52 8.52
N LEU E 96 -15.62 -19.68 8.07
CA LEU E 96 -15.06 -18.65 8.94
C LEU E 96 -16.16 -17.69 9.40
N VAL E 97 -17.04 -17.33 8.47
CA VAL E 97 -18.11 -16.39 8.76
C VAL E 97 -19.06 -16.93 9.82
N GLN E 98 -19.42 -18.18 9.70
CA GLN E 98 -20.23 -18.71 10.71
C GLN E 98 -19.39 -18.46 11.90
N LEU E 99 -18.27 -19.14 11.99
CA LEU E 99 -17.43 -19.03 13.16
C LEU E 99 -17.32 -17.56 13.59
N GLN E 100 -17.14 -16.68 12.62
CA GLN E 100 -17.07 -15.25 12.87
C GLN E 100 -18.40 -14.71 13.40
N SER E 101 -19.48 -15.25 12.86
CA SER E 101 -20.86 -14.86 13.19
C SER E 101 -21.32 -15.34 14.56
N GLN E 102 -20.51 -16.18 15.20
CA GLN E 102 -20.91 -16.83 16.43
C GLN E 102 -21.18 -15.76 17.49
N GLU E 103 -22.13 -16.04 18.38
CA GLU E 103 -22.57 -15.03 19.34
C GLU E 103 -21.37 -14.64 20.18
N HIS E 104 -20.60 -15.64 20.61
CA HIS E 104 -19.34 -15.37 21.25
C HIS E 104 -18.27 -15.90 20.32
N ARG E 105 -17.41 -15.03 19.81
CA ARG E 105 -16.39 -15.46 18.88
C ARG E 105 -15.38 -16.37 19.56
N PRO E 106 -15.04 -17.47 18.92
CA PRO E 106 -14.02 -18.38 19.45
C PRO E 106 -12.67 -17.68 19.53
N PHE E 107 -12.34 -16.92 18.48
CA PHE E 107 -11.07 -16.21 18.41
C PHE E 107 -11.22 -14.92 17.62
N ARG E 108 -10.32 -13.97 17.84
CA ARG E 108 -10.24 -12.77 17.01
C ARG E 108 -9.69 -13.14 15.63
N LEU E 109 -10.15 -12.45 14.58
CA LEU E 109 -9.72 -12.76 13.23
C LEU E 109 -8.96 -11.61 12.57
N ILE E 110 -7.76 -11.90 12.08
CA ILE E 110 -6.94 -10.92 11.39
C ILE E 110 -6.56 -11.38 9.99
N GLY E 111 -6.69 -10.49 9.01
CA GLY E 111 -6.35 -10.82 7.63
C GLY E 111 -5.23 -9.96 7.07
N ILE E 112 -4.26 -10.59 6.44
CA ILE E 112 -3.14 -9.84 5.85
C ILE E 112 -3.06 -10.01 4.34
N GLY E 113 -3.08 -8.88 3.64
CA GLY E 113 -3.00 -8.89 2.19
C GLY E 113 -2.14 -7.78 1.64
N ASP E 114 -1.62 -7.98 0.44
CA ASP E 114 -0.88 -6.94 -0.27
C ASP E 114 -1.78 -5.75 -0.58
N THR E 115 -3.03 -6.04 -0.89
CA THR E 115 -3.93 -5.04 -1.44
C THR E 115 -5.17 -4.94 -0.58
N SER E 116 -5.99 -3.94 -0.86
CA SER E 116 -7.24 -3.77 -0.16
C SER E 116 -8.09 -4.99 -0.51
N LEU E 117 -9.09 -5.26 0.32
CA LEU E 117 -9.89 -6.47 0.20
C LEU E 117 -10.60 -6.53 -1.15
N VAL E 118 -11.06 -5.37 -1.61
CA VAL E 118 -11.76 -5.30 -2.88
C VAL E 118 -10.85 -5.70 -4.04
N GLU E 119 -9.61 -5.25 -4.00
CA GLU E 119 -8.64 -5.60 -5.03
C GLU E 119 -8.40 -7.11 -5.02
N LEU E 120 -8.29 -7.67 -3.82
CA LEU E 120 -8.11 -9.10 -3.67
C LEU E 120 -9.30 -9.90 -4.20
N ALA E 121 -10.51 -9.42 -3.91
CA ALA E 121 -11.71 -10.14 -4.28
C ALA E 121 -11.82 -10.29 -5.79
N ALA E 122 -11.53 -9.20 -6.51
CA ALA E 122 -11.55 -9.22 -7.96
C ALA E 122 -10.41 -10.08 -8.48
N SER E 123 -9.25 -9.96 -7.85
CA SER E 123 -8.08 -10.74 -8.23
C SER E 123 -8.33 -12.23 -8.05
N ASN E 124 -8.85 -12.60 -6.88
CA ASN E 124 -9.13 -13.99 -6.57
C ASN E 124 -10.44 -14.17 -5.80
N ILE E 126 -13.02 -14.65 -3.86
CA ILE E 126 -13.43 -14.25 -2.52
C ILE E 126 -14.96 -14.04 -2.40
N ILE E 127 -15.57 -14.66 -1.37
CA ILE E 127 -17.04 -14.65 -1.23
C ILE E 127 -17.63 -13.31 -0.75
N ALA E 128 -18.40 -12.68 -1.63
CA ALA E 128 -19.05 -11.41 -1.34
C ALA E 128 -19.63 -11.40 0.08
N GLU E 129 -19.91 -12.59 0.59
CA GLU E 129 -20.28 -12.80 1.99
C GLU E 129 -19.09 -12.46 2.89
N LEU E 130 -18.01 -13.24 2.78
CA LEU E 130 -16.84 -13.01 3.62
C LEU E 130 -16.29 -11.59 3.51
N TYR E 131 -15.91 -11.18 2.30
CA TYR E 131 -15.40 -9.83 2.15
C TYR E 131 -16.11 -8.90 3.14
N TYR E 132 -17.37 -9.17 3.38
CA TYR E 132 -18.14 -8.34 4.27
C TYR E 132 -17.51 -8.19 5.65
N CYS E 133 -17.03 -9.28 6.24
CA CYS E 133 -16.47 -9.24 7.59
C CYS E 133 -15.53 -8.05 7.87
N PHE E 134 -14.62 -7.78 6.94
CA PHE E 134 -13.74 -6.62 7.04
C PHE E 134 -14.11 -5.62 6.00
N ALA E 135 -15.38 -5.25 5.94
CA ALA E 135 -15.76 -4.16 5.09
C ALA E 135 -15.23 -2.85 5.70
N THR E 137 -13.41 -2.33 8.25
CA THR E 137 -12.33 -2.57 9.20
C THR E 137 -10.99 -2.80 8.54
N GLN E 138 -10.92 -2.63 7.22
CA GLN E 138 -9.65 -2.65 6.53
C GLN E 138 -8.84 -1.44 6.95
N ILE E 139 -7.83 -1.70 7.80
CA ILE E 139 -6.89 -0.67 8.21
C ILE E 139 -5.71 -0.67 7.24
N ALA E 140 -5.19 0.53 6.94
CA ALA E 140 -4.01 0.66 6.09
C ALA E 140 -2.74 0.77 6.96
N CYS E 141 -1.82 -0.18 6.80
CA CYS E 141 -0.67 -0.27 7.72
C CYS E 141 0.50 0.66 7.46
N LEU E 142 1.22 0.94 8.55
CA LEU E 142 2.46 1.70 8.54
C LEU E 142 3.39 1.12 9.60
N PRO E 143 4.71 1.24 9.38
CA PRO E 143 5.68 0.79 10.37
C PRO E 143 5.53 1.59 11.66
N LEU E 144 6.11 1.06 12.74
CA LEU E 144 6.11 1.73 14.04
C LEU E 144 7.53 1.91 14.61
N SER F 7 5.97 2.65 -32.64
CA SER F 7 7.23 2.35 -31.97
C SER F 7 7.12 1.06 -31.15
N GLU F 8 6.51 1.14 -29.98
CA GLU F 8 6.33 -0.07 -29.21
C GLU F 8 5.43 -1.01 -30.00
N TRP F 9 4.37 -0.51 -30.59
CA TRP F 9 3.46 -1.42 -31.26
C TRP F 9 4.13 -2.15 -32.42
N ILE F 10 4.74 -1.41 -33.34
CA ILE F 10 5.44 -2.07 -34.43
C ILE F 10 6.65 -2.84 -33.90
N ASN F 11 7.46 -2.18 -33.08
CA ASN F 11 8.63 -2.84 -32.54
C ASN F 11 8.29 -4.02 -31.62
N GLN F 12 7.48 -3.75 -30.60
CA GLN F 12 6.92 -4.83 -29.80
C GLN F 12 5.85 -5.65 -30.51
N TYR F 13 4.82 -4.98 -31.04
CA TYR F 13 3.73 -5.72 -31.65
C TYR F 13 4.18 -6.53 -32.86
N ARG F 14 4.89 -5.89 -33.78
CA ARG F 14 5.40 -6.66 -34.90
C ARG F 14 6.42 -7.70 -34.44
N ARG F 15 7.35 -7.31 -33.57
CA ARG F 15 8.33 -8.30 -33.15
C ARG F 15 7.66 -9.47 -32.41
N ARG F 16 6.81 -9.18 -31.44
CA ARG F 16 6.17 -10.27 -30.72
C ARG F 16 5.23 -11.06 -31.63
N LEU F 17 4.35 -10.39 -32.35
CA LEU F 17 3.47 -11.15 -33.24
C LEU F 17 4.25 -11.81 -34.38
N GLN F 18 5.10 -11.03 -35.04
CA GLN F 18 5.93 -11.55 -36.12
C GLN F 18 7.00 -12.47 -35.58
N GLN F 19 7.62 -12.06 -34.49
CA GLN F 19 8.70 -12.84 -33.88
C GLN F 19 8.15 -14.10 -33.21
N LEU F 20 6.86 -14.34 -33.40
CA LEU F 20 6.22 -15.51 -32.81
C LEU F 20 7.24 -16.52 -32.29
N TRP F 28 4.67 -16.16 -20.65
CA TRP F 28 3.97 -15.48 -19.58
C TRP F 28 3.66 -14.04 -19.95
N LEU F 29 2.37 -13.71 -20.07
CA LEU F 29 1.95 -12.35 -20.41
C LEU F 29 1.18 -11.71 -19.27
N TYR F 30 1.58 -10.50 -18.89
CA TYR F 30 0.90 -9.80 -17.81
C TYR F 30 0.27 -8.48 -18.25
N GLY F 31 -1.02 -8.32 -17.96
CA GLY F 31 -1.74 -7.12 -18.33
C GLY F 31 -2.90 -6.81 -17.40
N ALA F 32 -3.34 -5.57 -17.44
CA ALA F 32 -4.49 -5.13 -16.66
C ALA F 32 -5.68 -5.75 -17.35
N PRO F 33 -6.88 -5.58 -16.80
CA PRO F 33 -8.04 -6.19 -17.44
C PRO F 33 -8.10 -5.69 -18.87
N GLY F 34 -8.42 -6.63 -19.75
CA GLY F 34 -8.42 -6.45 -21.18
C GLY F 34 -7.05 -6.69 -21.76
N THR F 35 -6.41 -5.55 -22.07
CA THR F 35 -5.01 -5.34 -22.43
C THR F 35 -4.56 -6.13 -23.62
N GLY F 36 -5.43 -7.02 -24.04
CA GLY F 36 -5.19 -7.89 -25.16
C GLY F 36 -4.42 -9.09 -24.72
N ARG F 37 -4.38 -9.32 -23.42
CA ARG F 37 -3.67 -10.50 -22.95
C ARG F 37 -4.46 -11.78 -23.22
N THR F 39 -7.28 -11.75 -25.14
CA THR F 39 -7.50 -11.53 -26.57
C THR F 39 -6.20 -11.62 -27.37
N GLY F 40 -5.14 -11.03 -26.81
CA GLY F 40 -3.83 -11.01 -27.42
C GLY F 40 -3.20 -12.38 -27.58
N ALA F 41 -3.49 -13.26 -26.62
CA ALA F 41 -2.87 -14.57 -26.47
C ALA F 41 -3.09 -15.52 -27.65
N ARG F 42 -4.23 -15.38 -28.30
CA ARG F 42 -4.73 -16.31 -29.30
C ARG F 42 -3.82 -16.48 -30.51
N TYR F 43 -3.17 -15.40 -30.90
CA TYR F 43 -2.31 -15.42 -32.08
C TYR F 43 -1.30 -16.51 -31.93
N LEU F 44 -0.60 -16.50 -30.82
CA LEU F 44 0.50 -17.44 -30.61
C LEU F 44 0.06 -18.87 -30.87
N HIS F 45 -1.15 -19.19 -30.46
CA HIS F 45 -1.69 -20.54 -30.64
C HIS F 45 -1.78 -20.89 -32.13
N PHE F 55 -6.60 -25.85 -27.68
CA PHE F 55 -6.43 -24.58 -26.97
C PHE F 55 -7.52 -24.36 -25.92
N VAL F 56 -7.28 -24.83 -24.70
CA VAL F 56 -8.24 -24.67 -23.62
C VAL F 56 -7.65 -23.83 -22.48
N TYR F 57 -8.40 -22.82 -22.05
CA TYR F 57 -7.96 -21.97 -20.95
C TYR F 57 -8.91 -22.04 -19.76
N ARG F 58 -8.33 -22.28 -18.60
CA ARG F 58 -9.08 -22.28 -17.37
C ARG F 58 -8.47 -21.32 -16.40
N GLU F 59 -9.33 -20.78 -15.57
CA GLU F 59 -8.96 -19.82 -14.58
C GLU F 59 -8.91 -20.57 -13.30
N LEU F 60 -7.79 -20.42 -12.61
CA LEU F 60 -7.44 -21.30 -11.54
C LEU F 60 -8.02 -20.81 -10.26
N THR F 61 -8.52 -21.73 -9.46
CA THR F 61 -9.11 -21.44 -8.19
C THR F 61 -9.01 -22.67 -7.27
N PRO F 62 -8.72 -22.44 -6.01
CA PRO F 62 -8.61 -23.54 -5.09
C PRO F 62 -9.55 -24.63 -5.49
N ASP F 63 -10.69 -24.30 -6.03
CA ASP F 63 -11.64 -25.30 -6.43
C ASP F 63 -11.27 -25.89 -7.77
N ASN F 64 -10.43 -25.20 -8.51
CA ASN F 64 -10.02 -25.61 -9.85
C ASN F 64 -8.86 -26.61 -9.92
N ALA F 65 -7.97 -26.55 -8.94
CA ALA F 65 -6.71 -27.29 -8.98
C ALA F 65 -6.82 -28.81 -8.97
N PRO F 66 -7.76 -29.35 -8.21
CA PRO F 66 -7.96 -30.80 -8.14
C PRO F 66 -8.35 -31.32 -9.52
N GLN F 67 -9.17 -30.53 -10.20
CA GLN F 67 -9.65 -30.84 -11.55
C GLN F 67 -8.58 -30.66 -12.62
N LEU F 68 -7.45 -30.09 -12.22
CA LEU F 68 -6.40 -29.72 -13.17
C LEU F 68 -5.83 -30.91 -13.92
N ASN F 69 -5.61 -32.02 -13.24
CA ASN F 69 -5.07 -33.18 -13.90
C ASN F 69 -6.06 -33.65 -14.96
N ASP F 70 -7.33 -33.65 -14.60
CA ASP F 70 -8.40 -33.83 -15.57
C ASP F 70 -8.38 -32.65 -16.55
N PHE F 71 -8.12 -31.46 -16.00
CA PHE F 71 -8.04 -30.24 -16.79
C PHE F 71 -6.90 -30.29 -17.81
N ILE F 72 -5.79 -30.89 -17.41
CA ILE F 72 -4.58 -30.91 -18.22
C ILE F 72 -4.68 -31.82 -19.44
N ALA F 73 -5.79 -32.55 -19.55
CA ALA F 73 -6.00 -33.45 -20.67
C ALA F 73 -5.85 -32.69 -22.00
N LEU F 74 -6.81 -31.82 -22.28
CA LEU F 74 -6.79 -31.03 -23.50
C LEU F 74 -5.37 -30.75 -23.95
N THR F 79 -3.07 -24.93 -26.95
CA THR F 79 -2.17 -25.23 -25.84
C THR F 79 -2.89 -25.08 -24.50
N LEU F 80 -2.11 -24.83 -23.44
CA LEU F 80 -2.69 -24.68 -22.11
C LEU F 80 -2.47 -23.29 -21.51
N VAL F 81 -3.55 -22.64 -21.11
CA VAL F 81 -3.50 -21.30 -20.54
C VAL F 81 -4.18 -21.27 -19.16
N LEU F 82 -3.52 -20.65 -18.19
CA LEU F 82 -4.01 -20.65 -16.82
C LEU F 82 -3.96 -19.28 -16.17
N SER F 83 -4.83 -19.08 -15.19
CA SER F 83 -4.85 -17.84 -14.41
C SER F 83 -4.96 -18.20 -12.94
N HIS F 84 -4.44 -17.35 -12.07
CA HIS F 84 -4.42 -17.69 -10.65
C HIS F 84 -3.71 -19.03 -10.49
N PRO F 85 -2.54 -19.12 -11.13
CA PRO F 85 -1.67 -20.30 -11.11
C PRO F 85 -1.12 -20.59 -9.72
N GLU F 86 -1.16 -19.60 -8.85
CA GLU F 86 -0.62 -19.68 -7.51
C GLU F 86 -1.29 -20.76 -6.67
N HIS F 87 -2.57 -20.99 -6.96
CA HIS F 87 -3.41 -21.90 -6.19
C HIS F 87 -2.93 -23.35 -6.22
N LEU F 88 -2.38 -23.77 -7.35
CA LEU F 88 -1.99 -25.15 -7.54
C LEU F 88 -0.97 -25.53 -6.50
N THR F 89 -1.05 -26.77 -6.04
CA THR F 89 -0.10 -27.31 -5.08
C THR F 89 1.22 -27.50 -5.79
N ARG F 90 2.28 -27.69 -5.01
CA ARG F 90 3.63 -27.78 -5.57
C ARG F 90 3.69 -28.94 -6.54
N GLU F 91 3.02 -30.03 -6.22
CA GLU F 91 3.03 -31.20 -7.08
C GLU F 91 2.41 -30.84 -8.43
N GLN F 92 1.31 -30.10 -8.40
CA GLN F 92 0.71 -29.65 -9.65
C GLN F 92 1.68 -28.73 -10.37
N GLN F 93 2.26 -27.79 -9.63
CA GLN F 93 3.26 -26.89 -10.21
C GLN F 93 4.49 -27.68 -10.66
N TYR F 94 4.91 -28.64 -9.84
CA TYR F 94 6.08 -29.45 -10.14
C TYR F 94 5.84 -30.24 -11.41
N HIS F 95 4.67 -30.83 -11.45
CA HIS F 95 4.34 -31.77 -12.46
C HIS F 95 4.59 -31.06 -13.74
N LEU F 96 4.56 -29.74 -13.68
CA LEU F 96 4.55 -28.97 -14.89
C LEU F 96 5.91 -28.70 -15.48
N VAL F 97 6.95 -28.55 -14.68
CA VAL F 97 8.27 -28.36 -15.26
C VAL F 97 8.79 -29.67 -15.78
N GLN F 98 8.41 -30.75 -15.10
CA GLN F 98 8.81 -32.08 -15.51
C GLN F 98 8.10 -32.50 -16.77
N LEU F 99 6.79 -32.26 -16.82
CA LEU F 99 6.02 -32.54 -18.03
C LEU F 99 6.42 -31.54 -19.10
N GLN F 100 6.56 -30.29 -18.70
CA GLN F 100 6.99 -29.25 -19.62
C GLN F 100 8.45 -29.43 -19.98
N SER F 101 9.10 -30.40 -19.33
CA SER F 101 10.50 -30.68 -19.58
C SER F 101 10.69 -31.92 -20.44
N ASP F 114 -1.51 -10.54 -14.90
CA ASP F 114 -1.60 -9.09 -14.90
C ASP F 114 -0.42 -8.46 -14.17
N THR F 115 0.53 -9.29 -13.79
CA THR F 115 1.71 -8.86 -13.06
C THR F 115 2.98 -9.48 -13.63
N SER F 116 4.13 -8.89 -13.31
CA SER F 116 5.40 -9.44 -13.75
C SER F 116 5.61 -10.81 -13.11
N LEU F 117 6.26 -11.71 -13.83
CA LEU F 117 6.46 -13.07 -13.35
C LEU F 117 7.32 -13.11 -12.09
N VAL F 118 8.35 -12.28 -12.05
CA VAL F 118 9.23 -12.20 -10.88
C VAL F 118 8.48 -11.71 -9.64
N GLU F 119 7.57 -10.76 -9.84
CA GLU F 119 6.80 -10.18 -8.74
C GLU F 119 5.93 -11.19 -8.02
N LEU F 120 5.38 -12.13 -8.78
CA LEU F 120 4.41 -13.07 -8.23
C LEU F 120 4.97 -13.96 -7.12
N ALA F 121 6.21 -14.42 -7.28
CA ALA F 121 6.76 -15.36 -6.32
C ALA F 121 6.83 -14.72 -4.94
N ALA F 122 7.35 -13.50 -4.88
CA ALA F 122 7.42 -12.79 -3.61
C ALA F 122 6.02 -12.51 -3.05
N SER F 123 5.14 -12.01 -3.90
CA SER F 123 3.78 -11.66 -3.49
C SER F 123 3.01 -12.89 -3.03
N ASN F 124 3.16 -13.98 -3.77
CA ASN F 124 2.47 -15.22 -3.46
C ASN F 124 3.44 -16.40 -3.56
N HIS F 125 3.11 -17.53 -2.94
CA HIS F 125 3.98 -18.69 -2.99
C HIS F 125 4.17 -19.20 -4.42
N ILE F 126 5.40 -19.52 -4.79
CA ILE F 126 5.69 -19.98 -6.14
C ILE F 126 6.91 -20.92 -6.19
N ILE F 127 7.04 -21.64 -7.30
CA ILE F 127 8.16 -22.54 -7.54
C ILE F 127 9.04 -22.00 -8.66
N ALA F 128 10.36 -22.14 -8.48
CA ALA F 128 11.34 -21.54 -9.37
C ALA F 128 11.25 -22.05 -10.80
N GLU F 129 10.95 -23.33 -10.96
CA GLU F 129 10.99 -23.94 -12.27
C GLU F 129 9.99 -23.27 -13.21
N LEU F 130 8.81 -22.98 -12.69
CA LEU F 130 7.80 -22.30 -13.48
C LEU F 130 8.26 -20.90 -13.88
N TYR F 131 8.87 -20.20 -12.95
CA TYR F 131 9.42 -18.88 -13.25
C TYR F 131 10.51 -19.00 -14.31
N TYR F 132 11.30 -20.04 -14.17
CA TYR F 132 12.47 -20.24 -15.02
C TYR F 132 12.12 -20.43 -16.48
N CYS F 133 11.02 -21.12 -16.75
CA CYS F 133 10.59 -21.34 -18.11
C CYS F 133 10.26 -20.00 -18.78
N PHE F 134 9.61 -19.09 -18.07
CA PHE F 134 9.32 -17.77 -18.64
C PHE F 134 10.38 -16.80 -18.31
N ALA F 135 11.04 -17.08 -17.22
CA ALA F 135 11.90 -16.10 -16.56
C ALA F 135 12.54 -15.18 -17.59
N THR F 137 11.55 -14.58 -20.42
CA THR F 137 10.55 -14.08 -21.34
C THR F 137 9.30 -13.55 -20.62
N GLN F 138 9.31 -12.27 -20.28
CA GLN F 138 8.15 -11.68 -19.65
C GLN F 138 7.50 -10.75 -20.66
N ILE F 139 6.22 -10.94 -20.90
CA ILE F 139 5.51 -10.12 -21.89
C ILE F 139 4.35 -9.37 -21.27
N ALA F 140 4.26 -8.07 -21.57
CA ALA F 140 3.08 -7.31 -21.21
C ALA F 140 2.23 -7.18 -22.46
N CYS F 141 1.06 -7.80 -22.44
CA CYS F 141 0.20 -7.87 -23.61
C CYS F 141 -0.55 -6.56 -23.90
N LEU F 142 -0.52 -6.14 -25.15
CA LEU F 142 -1.24 -4.95 -25.58
C LEU F 142 -2.24 -5.29 -26.68
N PRO F 143 -3.47 -4.83 -26.52
CA PRO F 143 -4.52 -5.10 -27.51
C PRO F 143 -4.01 -4.96 -28.94
N GLN G 12 22.16 -34.58 -1.15
CA GLN G 12 21.03 -34.19 -2.01
C GLN G 12 21.53 -33.63 -3.34
N TYR G 13 22.71 -33.03 -3.30
CA TYR G 13 23.33 -32.49 -4.50
C TYR G 13 23.62 -33.60 -5.51
N ARG G 14 24.05 -34.76 -5.01
CA ARG G 14 24.50 -35.85 -5.85
C ARG G 14 23.40 -36.37 -6.77
N ARG G 15 22.18 -36.45 -6.26
CA ARG G 15 21.10 -37.05 -7.03
C ARG G 15 20.90 -36.25 -8.30
N ARG G 16 20.90 -34.93 -8.17
CA ARG G 16 20.76 -34.08 -9.33
C ARG G 16 21.94 -34.26 -10.28
N LEU G 17 23.15 -34.22 -9.73
CA LEU G 17 24.34 -34.47 -10.53
C LEU G 17 24.35 -35.90 -11.05
N GLN G 18 24.02 -36.84 -10.15
CA GLN G 18 23.93 -38.24 -10.53
C GLN G 18 22.81 -38.47 -11.55
N GLN G 19 21.68 -37.80 -11.34
CA GLN G 19 20.55 -37.88 -12.24
C GLN G 19 20.88 -37.33 -13.63
N LEU G 20 21.68 -36.27 -13.65
CA LEU G 20 22.06 -35.56 -14.87
C LEU G 20 22.89 -36.40 -15.83
N SER G 21 23.52 -37.44 -15.32
CA SER G 21 24.46 -38.24 -16.10
C SER G 21 23.81 -38.91 -17.30
N GLU G 22 22.56 -39.27 -17.12
CA GLU G 22 21.84 -40.05 -18.07
C GLU G 22 21.54 -39.34 -19.34
N THR G 23 21.63 -38.02 -19.33
CA THR G 23 21.23 -37.28 -20.49
C THR G 23 22.36 -36.42 -20.89
N ASP G 24 22.26 -35.84 -22.07
CA ASP G 24 23.27 -34.94 -22.56
C ASP G 24 22.73 -33.56 -22.73
N ILE G 25 21.94 -33.10 -21.80
CA ILE G 25 21.20 -31.90 -21.98
C ILE G 25 22.03 -30.88 -21.30
N ALA G 26 21.76 -29.63 -21.57
CA ALA G 26 22.67 -28.58 -21.23
C ALA G 26 22.52 -28.24 -19.82
N VAL G 27 23.63 -28.17 -19.12
CA VAL G 27 23.62 -27.91 -17.71
C VAL G 27 24.31 -26.65 -17.33
N TRP G 28 23.67 -25.89 -16.48
CA TRP G 28 24.30 -24.70 -15.93
C TRP G 28 24.40 -24.83 -14.41
N LEU G 29 25.61 -24.66 -13.88
CA LEU G 29 25.81 -24.75 -12.44
C LEU G 29 26.34 -23.44 -11.87
N TYR G 30 25.68 -22.94 -10.84
CA TYR G 30 26.12 -21.72 -10.20
C TYR G 30 26.48 -21.98 -8.74
N GLY G 31 27.69 -21.60 -8.37
CA GLY G 31 28.15 -21.71 -7.00
C GLY G 31 29.21 -20.66 -6.71
N ALA G 32 29.42 -20.40 -5.42
CA ALA G 32 30.52 -19.57 -4.98
C ALA G 32 31.80 -20.35 -5.25
N PRO G 33 32.91 -19.65 -5.45
CA PRO G 33 34.17 -20.32 -5.75
C PRO G 33 34.60 -21.24 -4.61
N GLY G 34 35.18 -22.38 -4.95
CA GLY G 34 35.45 -23.41 -3.96
C GLY G 34 34.21 -24.24 -3.74
N THR G 35 33.19 -23.95 -4.55
CA THR G 35 31.92 -24.66 -4.53
C THR G 35 32.07 -26.13 -4.93
N GLY G 36 33.04 -26.40 -5.80
CA GLY G 36 33.20 -27.73 -6.35
C GLY G 36 32.37 -27.95 -7.60
N ARG G 37 31.80 -26.87 -8.12
CA ARG G 37 30.97 -26.95 -9.33
C ARG G 37 31.80 -27.41 -10.52
N THR G 39 34.42 -29.20 -10.22
CA THR G 39 34.66 -30.60 -9.89
C THR G 39 33.45 -31.42 -10.33
N GLY G 40 32.27 -30.88 -10.11
CA GLY G 40 31.03 -31.53 -10.51
C GLY G 40 30.99 -31.68 -12.02
N ALA G 41 31.47 -30.67 -12.72
CA ALA G 41 31.44 -30.68 -14.18
C ALA G 41 32.28 -31.83 -14.71
N ARG G 42 33.43 -32.06 -14.09
CA ARG G 42 34.28 -33.18 -14.48
C ARG G 42 33.57 -34.50 -14.23
N TYR G 43 32.87 -34.58 -13.10
CA TYR G 43 32.18 -35.80 -12.73
C TYR G 43 31.13 -36.13 -13.78
N LEU G 44 30.42 -35.11 -14.25
CA LEU G 44 29.35 -35.34 -15.20
C LEU G 44 29.92 -35.93 -16.47
N HIS G 45 31.03 -35.37 -16.94
CA HIS G 45 31.68 -35.87 -18.15
C HIS G 45 32.19 -37.30 -17.96
N GLN G 46 32.84 -37.55 -16.83
CA GLN G 46 33.46 -38.86 -16.59
C GLN G 46 32.45 -39.98 -16.55
N PHE G 47 31.39 -39.80 -15.77
CA PHE G 47 30.35 -40.81 -15.61
C PHE G 47 29.24 -40.54 -16.59
N GLY G 48 29.42 -39.48 -17.37
CA GLY G 48 28.51 -39.10 -18.43
C GLY G 48 28.66 -40.01 -19.63
N ARG G 49 27.72 -39.91 -20.57
CA ARG G 49 27.79 -40.69 -21.80
C ARG G 49 29.03 -40.35 -22.62
N ASN G 50 29.35 -39.07 -22.75
CA ASN G 50 30.55 -38.69 -23.48
C ASN G 50 31.79 -38.67 -22.60
N ALA G 51 32.08 -39.80 -21.96
CA ALA G 51 33.28 -39.93 -21.13
C ALA G 51 34.56 -39.79 -21.96
N GLN G 52 34.52 -40.39 -23.16
CA GLN G 52 35.67 -40.43 -24.05
C GLN G 52 36.12 -39.06 -24.54
N GLY G 53 35.16 -38.17 -24.73
CA GLY G 53 35.42 -36.86 -25.29
C GLY G 53 36.32 -36.03 -24.40
N GLU G 54 37.10 -35.17 -25.02
CA GLU G 54 38.03 -34.33 -24.27
C GLU G 54 37.25 -33.44 -23.34
N PHE G 55 37.81 -33.21 -22.15
CA PHE G 55 37.19 -32.29 -21.22
C PHE G 55 37.80 -30.92 -21.48
N VAL G 56 37.03 -30.06 -22.13
CA VAL G 56 37.52 -28.73 -22.46
C VAL G 56 36.68 -27.67 -21.74
N TYR G 57 37.35 -26.87 -20.93
CA TYR G 57 36.72 -25.73 -20.30
C TYR G 57 37.45 -24.48 -20.77
N ARG G 58 36.68 -23.52 -21.29
CA ARG G 58 37.27 -22.26 -21.72
C ARG G 58 36.70 -21.13 -20.88
N GLU G 59 37.58 -20.27 -20.37
CA GLU G 59 37.12 -19.09 -19.65
C GLU G 59 36.93 -18.00 -20.68
N LEU G 60 35.68 -17.63 -20.90
CA LEU G 60 35.32 -16.70 -21.96
C LEU G 60 35.94 -15.33 -21.73
N THR G 61 36.44 -14.75 -22.81
CA THR G 61 37.14 -13.49 -22.81
C THR G 61 37.02 -12.88 -24.19
N PRO G 62 37.40 -11.61 -24.32
CA PRO G 62 37.30 -10.96 -25.62
C PRO G 62 38.19 -11.66 -26.65
N ASP G 63 39.42 -11.99 -26.26
CA ASP G 63 40.34 -12.71 -27.12
C ASP G 63 39.82 -14.10 -27.45
N ASN G 64 39.22 -14.73 -26.44
CA ASN G 64 38.72 -16.10 -26.53
C ASN G 64 37.61 -16.36 -27.55
N ALA G 65 36.71 -15.39 -27.68
CA ALA G 65 35.43 -15.57 -28.37
C ALA G 65 35.51 -15.93 -29.85
N PRO G 66 36.44 -15.31 -30.55
CA PRO G 66 36.68 -15.66 -31.96
C PRO G 66 37.14 -17.10 -32.02
N GLN G 67 37.87 -17.50 -30.99
CA GLN G 67 38.46 -18.82 -30.85
C GLN G 67 37.41 -19.88 -30.51
N LEU G 68 36.18 -19.43 -30.30
CA LEU G 68 35.10 -20.28 -29.79
C LEU G 68 34.80 -21.44 -30.72
N ASN G 69 34.85 -21.18 -32.02
CA ASN G 69 34.60 -22.23 -32.99
C ASN G 69 35.62 -23.35 -32.85
N ASP G 70 36.86 -22.95 -32.56
CA ASP G 70 37.92 -23.92 -32.31
C ASP G 70 37.58 -24.72 -31.06
N PHE G 71 37.01 -24.05 -30.07
CA PHE G 71 36.58 -24.71 -28.85
C PHE G 71 35.49 -25.71 -29.18
N ILE G 72 34.59 -25.34 -30.08
CA ILE G 72 33.53 -26.23 -30.51
C ILE G 72 34.11 -27.46 -31.19
N ALA G 73 35.10 -27.25 -32.04
CA ALA G 73 35.78 -28.35 -32.71
C ALA G 73 36.54 -29.26 -31.73
N LEU G 74 37.24 -28.64 -30.78
CA LEU G 74 37.94 -29.36 -29.73
C LEU G 74 36.97 -30.12 -28.82
N ALA G 75 35.87 -29.43 -28.52
CA ALA G 75 34.81 -29.91 -27.62
C ALA G 75 34.07 -31.14 -28.12
N GLN G 76 33.99 -31.30 -29.43
CA GLN G 76 33.10 -32.30 -30.02
C GLN G 76 33.42 -33.71 -29.54
N GLY G 77 32.37 -34.45 -29.20
CA GLY G 77 32.49 -35.81 -28.71
C GLY G 77 32.80 -35.81 -27.24
N GLY G 78 32.85 -34.62 -26.67
CA GLY G 78 33.18 -34.41 -25.27
C GLY G 78 32.48 -33.20 -24.71
N THR G 79 32.42 -33.10 -23.39
CA THR G 79 31.81 -31.95 -22.75
C THR G 79 32.60 -30.68 -23.03
N LEU G 80 31.88 -29.58 -23.29
CA LEU G 80 32.50 -28.28 -23.42
C LEU G 80 32.00 -27.36 -22.31
N VAL G 81 32.93 -26.75 -21.57
CA VAL G 81 32.59 -25.89 -20.45
C VAL G 81 33.09 -24.46 -20.64
N LEU G 82 32.21 -23.48 -20.41
CA LEU G 82 32.56 -22.08 -20.61
C LEU G 82 32.25 -21.22 -19.39
N SER G 83 33.13 -20.28 -19.10
CA SER G 83 33.00 -19.43 -17.93
C SER G 83 32.99 -17.96 -18.31
N HIS G 84 32.06 -17.20 -17.74
CA HIS G 84 31.87 -15.82 -18.16
C HIS G 84 31.59 -15.83 -19.66
N PRO G 85 30.65 -16.70 -20.03
CA PRO G 85 30.20 -16.90 -21.40
C PRO G 85 29.39 -15.71 -21.89
N GLU G 86 29.15 -14.78 -20.97
CA GLU G 86 28.26 -13.65 -21.21
C GLU G 86 28.74 -12.78 -22.36
N HIS G 87 30.05 -12.61 -22.45
CA HIS G 87 30.64 -11.81 -23.52
C HIS G 87 30.80 -12.67 -24.76
N LEU G 88 29.66 -13.04 -25.34
CA LEU G 88 29.65 -13.81 -26.58
C LEU G 88 28.76 -13.10 -27.59
N THR G 89 29.15 -13.15 -28.85
CA THR G 89 28.40 -12.47 -29.90
C THR G 89 27.01 -13.07 -30.03
N ARG G 90 26.03 -12.21 -30.28
CA ARG G 90 24.67 -12.68 -30.45
C ARG G 90 24.60 -13.59 -31.67
N GLU G 91 25.28 -13.19 -32.74
CA GLU G 91 25.35 -14.00 -33.95
C GLU G 91 26.06 -15.32 -33.63
N GLN G 92 27.10 -15.23 -32.82
CA GLN G 92 27.83 -16.40 -32.33
C GLN G 92 26.96 -17.28 -31.45
N GLN G 93 26.11 -16.65 -30.64
CA GLN G 93 25.26 -17.38 -29.69
C GLN G 93 24.20 -18.26 -30.36
N TYR G 94 23.77 -17.87 -31.56
CA TYR G 94 22.78 -18.62 -32.33
C TYR G 94 23.30 -20.00 -32.70
N HIS G 95 24.60 -20.08 -32.97
CA HIS G 95 25.22 -21.31 -33.43
C HIS G 95 25.11 -22.44 -32.41
N LEU G 96 25.36 -22.12 -31.15
CA LEU G 96 25.27 -23.13 -30.10
C LEU G 96 23.86 -23.67 -29.95
N VAL G 97 22.88 -22.77 -29.94
CA VAL G 97 21.48 -23.19 -29.88
C VAL G 97 21.16 -23.98 -31.15
N GLN G 98 21.66 -23.49 -32.28
CA GLN G 98 21.54 -24.20 -33.54
C GLN G 98 22.29 -25.53 -33.48
N LEU G 99 23.50 -25.50 -32.91
CA LEU G 99 24.25 -26.72 -32.65
C LEU G 99 23.51 -27.57 -31.63
N GLN G 100 22.96 -26.91 -30.62
CA GLN G 100 22.15 -27.57 -29.60
C GLN G 100 20.91 -28.21 -30.20
N SER G 101 20.36 -27.52 -31.19
CA SER G 101 19.10 -27.85 -31.85
C SER G 101 19.09 -29.19 -32.57
N GLN G 102 20.24 -29.59 -33.08
CA GLN G 102 20.34 -30.76 -33.94
C GLN G 102 19.90 -32.02 -33.21
N GLU G 103 19.45 -33.01 -33.97
CA GLU G 103 18.92 -34.24 -33.40
C GLU G 103 20.00 -34.94 -32.58
N HIS G 104 21.24 -34.92 -33.07
CA HIS G 104 22.34 -35.46 -32.28
C HIS G 104 23.34 -34.37 -31.90
N ARG G 105 23.52 -34.16 -30.60
CA ARG G 105 24.40 -33.11 -30.09
C ARG G 105 25.88 -33.43 -30.29
N PRO G 106 26.63 -32.44 -30.73
CA PRO G 106 28.09 -32.57 -30.85
C PRO G 106 28.74 -32.76 -29.49
N PHE G 107 28.31 -31.98 -28.51
CA PHE G 107 28.87 -32.07 -27.17
C PHE G 107 27.84 -31.70 -26.11
N ARG G 108 28.02 -32.18 -24.90
CA ARG G 108 27.20 -31.72 -23.82
C ARG G 108 27.66 -30.36 -23.41
N LEU G 109 26.73 -29.49 -23.12
CA LEU G 109 27.08 -28.11 -22.81
C LEU G 109 26.85 -27.77 -21.36
N ILE G 110 27.91 -27.30 -20.70
CA ILE G 110 27.85 -26.94 -19.30
C ILE G 110 28.22 -25.47 -19.13
N GLY G 111 27.42 -24.74 -18.36
CA GLY G 111 27.72 -23.35 -18.08
C GLY G 111 28.06 -23.17 -16.62
N ILE G 112 29.13 -22.44 -16.34
CA ILE G 112 29.49 -22.13 -14.96
C ILE G 112 29.31 -20.64 -14.64
N GLY G 113 28.49 -20.34 -13.64
CA GLY G 113 28.23 -18.97 -13.25
C GLY G 113 28.14 -18.76 -11.75
N ASP G 114 28.52 -17.56 -11.31
CA ASP G 114 28.43 -17.18 -9.91
C ASP G 114 26.99 -17.16 -9.39
N THR G 115 26.08 -16.71 -10.24
CA THR G 115 24.69 -16.47 -9.86
C THR G 115 23.74 -17.13 -10.84
N SER G 116 22.45 -17.10 -10.51
CA SER G 116 21.44 -17.69 -11.36
C SER G 116 21.47 -16.99 -12.71
N LEU G 117 21.14 -17.72 -13.76
CA LEU G 117 21.36 -17.30 -15.13
C LEU G 117 20.66 -15.99 -15.44
N VAL G 118 19.46 -15.82 -14.91
CA VAL G 118 18.70 -14.60 -15.17
C VAL G 118 19.46 -13.37 -14.70
N GLU G 119 20.12 -13.47 -13.54
CA GLU G 119 20.87 -12.35 -13.02
C GLU G 119 21.92 -11.86 -14.02
N LEU G 120 22.73 -12.80 -14.49
CA LEU G 120 23.75 -12.53 -15.50
C LEU G 120 23.16 -11.89 -16.75
N ALA G 121 21.98 -12.37 -17.13
CA ALA G 121 21.30 -11.98 -18.36
C ALA G 121 20.63 -10.60 -18.22
N ALA G 122 20.18 -10.32 -17.00
CA ALA G 122 19.74 -8.99 -16.65
C ALA G 122 20.93 -8.05 -16.47
N SER G 123 22.13 -8.60 -16.30
CA SER G 123 23.33 -7.77 -16.12
C SER G 123 23.43 -6.71 -17.21
N ILE G 126 23.38 -11.76 -24.54
CA ILE G 126 22.86 -12.81 -23.65
C ILE G 126 21.44 -13.27 -24.03
N ILE G 127 21.35 -14.01 -25.13
CA ILE G 127 20.08 -14.52 -25.64
C ILE G 127 19.34 -15.41 -24.64
N ALA G 128 18.01 -15.38 -24.71
CA ALA G 128 17.16 -16.03 -23.72
C ALA G 128 16.93 -17.49 -24.02
N GLU G 129 16.68 -17.79 -25.30
CA GLU G 129 16.52 -19.19 -25.73
C GLU G 129 17.66 -19.97 -25.11
N LEU G 130 18.86 -19.43 -25.29
CA LEU G 130 20.04 -19.93 -24.64
C LEU G 130 19.83 -20.13 -23.15
N TYR G 131 19.22 -19.15 -22.49
CA TYR G 131 18.84 -19.35 -21.11
C TYR G 131 17.87 -20.54 -21.04
N TYR G 132 16.89 -20.52 -21.95
CA TYR G 132 15.81 -21.49 -21.95
C TYR G 132 16.25 -22.96 -21.95
N CYS G 133 17.50 -23.22 -22.29
CA CYS G 133 17.99 -24.59 -22.34
C CYS G 133 18.79 -24.94 -21.10
N PHE G 134 19.22 -23.90 -20.40
CA PHE G 134 19.82 -24.07 -19.09
C PHE G 134 18.75 -23.80 -18.08
N ALA G 135 17.65 -23.23 -18.55
CA ALA G 135 16.57 -22.76 -17.68
C ALA G 135 16.10 -23.82 -16.70
N THR G 137 17.69 -26.40 -15.86
CA THR G 137 18.88 -27.15 -15.47
C THR G 137 19.95 -26.23 -14.90
N GLN G 138 19.59 -25.50 -13.85
CA GLN G 138 20.53 -24.63 -13.14
C GLN G 138 20.78 -25.19 -11.73
N ILE G 139 22.02 -25.55 -11.43
CA ILE G 139 22.31 -26.22 -10.17
C ILE G 139 23.17 -25.37 -9.21
N ALA G 140 22.66 -25.13 -8.00
CA ALA G 140 23.44 -24.45 -6.98
C ALA G 140 24.37 -25.49 -6.36
N CYS G 141 25.67 -25.23 -6.35
CA CYS G 141 26.65 -26.27 -6.00
C CYS G 141 27.27 -26.13 -4.61
N GLN H 12 13.35 -30.37 1.37
CA GLN H 12 12.22 -31.09 1.94
C GLN H 12 12.27 -31.12 3.46
N TYR H 13 13.21 -30.33 3.99
CA TYR H 13 13.49 -30.21 5.42
C TYR H 13 12.44 -29.39 6.15
N ARG H 14 11.48 -28.86 5.40
CA ARG H 14 10.44 -28.00 5.94
C ARG H 14 9.58 -28.72 6.97
N ARG H 15 9.35 -30.00 6.73
CA ARG H 15 8.60 -30.82 7.68
C ARG H 15 9.35 -30.89 9.00
N ARG H 16 10.67 -30.98 8.91
CA ARG H 16 11.54 -30.95 10.08
C ARG H 16 11.39 -29.61 10.77
N LEU H 17 11.29 -28.57 9.98
CA LEU H 17 11.11 -27.20 10.47
C LEU H 17 9.79 -27.08 11.23
N GLN H 18 8.76 -27.73 10.71
CA GLN H 18 7.44 -27.66 11.32
C GLN H 18 7.46 -28.22 12.73
N GLN H 19 8.17 -29.33 12.92
CA GLN H 19 8.30 -29.92 14.24
C GLN H 19 9.03 -28.99 15.20
N LEU H 20 10.10 -28.37 14.71
CA LEU H 20 10.88 -27.43 15.51
C LEU H 20 10.08 -26.20 15.92
N SER H 21 9.24 -25.71 15.00
CA SER H 21 8.40 -24.55 15.29
C SER H 21 7.43 -24.83 16.42
N GLU H 22 6.82 -26.01 16.37
CA GLU H 22 5.84 -26.44 17.36
C GLU H 22 6.50 -26.58 18.73
N THR H 23 7.69 -27.16 18.73
CA THR H 23 8.44 -27.40 19.96
C THR H 23 8.98 -26.12 20.61
N ASP H 24 9.03 -26.05 21.92
CA ASP H 24 9.62 -24.87 22.53
C ASP H 24 11.12 -25.02 22.59
N ILE H 25 11.60 -26.20 22.28
CA ILE H 25 13.00 -26.48 22.43
C ILE H 25 13.74 -25.45 21.67
N ALA H 26 15.04 -25.44 21.88
CA ALA H 26 15.91 -24.47 21.26
C ALA H 26 16.58 -25.03 20.05
N VAL H 27 16.81 -24.21 19.05
CA VAL H 27 17.43 -24.68 17.84
C VAL H 27 18.71 -23.98 17.55
N TRP H 28 19.62 -24.72 16.99
CA TRP H 28 20.91 -24.18 16.63
C TRP H 28 21.09 -24.36 15.14
N LEU H 29 21.34 -23.27 14.42
CA LEU H 29 21.40 -23.34 12.98
C LEU H 29 22.83 -23.29 12.48
N TYR H 30 23.24 -24.33 11.75
CA TYR H 30 24.57 -24.33 11.14
C TYR H 30 24.46 -24.25 9.63
N GLY H 31 25.04 -23.19 9.05
CA GLY H 31 25.06 -23.04 7.62
C GLY H 31 26.21 -22.17 7.14
N ALA H 32 26.57 -22.32 5.88
CA ALA H 32 27.51 -21.42 5.25
C ALA H 32 26.79 -20.08 5.11
N PRO H 33 27.53 -18.99 5.04
CA PRO H 33 26.92 -17.66 4.99
C PRO H 33 26.05 -17.51 3.76
N GLY H 34 24.91 -16.83 3.90
CA GLY H 34 23.96 -16.71 2.81
C GLY H 34 23.06 -17.92 2.77
N THR H 35 23.17 -18.72 3.82
CA THR H 35 22.39 -19.95 3.99
C THR H 35 20.91 -19.63 4.05
N GLY H 36 20.56 -18.46 4.56
CA GLY H 36 19.16 -18.15 4.81
C GLY H 36 18.69 -18.91 6.03
N ARG H 37 19.61 -19.12 6.94
CA ARG H 37 19.34 -19.75 8.20
C ARG H 37 18.42 -18.89 9.04
N THR H 39 15.97 -17.33 7.98
CA THR H 39 14.59 -17.58 7.58
C THR H 39 13.98 -18.64 8.48
N GLY H 40 14.76 -19.66 8.80
CA GLY H 40 14.27 -20.69 9.69
C GLY H 40 13.96 -20.12 11.05
N ALA H 41 14.86 -19.29 11.57
CA ALA H 41 14.63 -18.64 12.85
C ALA H 41 13.41 -17.73 12.73
N ARG H 42 13.36 -16.93 11.68
CA ARG H 42 12.21 -16.07 11.45
C ARG H 42 11.00 -16.95 11.22
N TYR H 43 11.21 -18.01 10.44
CA TYR H 43 10.13 -18.94 10.17
C TYR H 43 9.71 -19.60 11.48
N LEU H 44 10.69 -19.99 12.30
CA LEU H 44 10.35 -20.60 13.57
C LEU H 44 9.59 -19.61 14.43
N HIS H 45 10.08 -18.39 14.44
CA HIS H 45 9.46 -17.39 15.25
C HIS H 45 8.09 -17.05 14.71
N GLN H 46 8.04 -16.75 13.44
CA GLN H 46 6.84 -16.23 12.80
C GLN H 46 5.67 -17.18 12.96
N PHE H 47 5.93 -18.46 12.71
CA PHE H 47 4.95 -19.52 12.89
C PHE H 47 5.17 -20.15 14.25
N GLY H 48 6.12 -19.58 14.99
CA GLY H 48 6.44 -20.02 16.34
C GLY H 48 5.36 -19.61 17.32
N ARG H 49 5.39 -20.19 18.52
CA ARG H 49 4.34 -19.92 19.49
C ARG H 49 4.27 -18.45 19.89
N ASN H 50 5.42 -17.83 20.15
CA ASN H 50 5.42 -16.41 20.46
C ASN H 50 5.51 -15.53 19.21
N ALA H 51 4.52 -15.61 18.33
CA ALA H 51 4.48 -14.77 17.15
C ALA H 51 4.37 -13.31 17.58
N GLN H 52 3.49 -13.07 18.55
CA GLN H 52 3.32 -11.77 19.18
C GLN H 52 4.60 -11.41 19.93
N GLY H 53 5.21 -12.41 20.54
CA GLY H 53 6.40 -12.20 21.34
C GLY H 53 7.50 -11.65 20.48
N GLU H 54 8.31 -10.76 21.05
CA GLU H 54 9.33 -10.08 20.28
C GLU H 54 10.31 -11.09 19.72
N PHE H 55 10.66 -10.93 18.45
CA PHE H 55 11.70 -11.74 17.86
C PHE H 55 12.92 -10.86 17.83
N VAL H 56 13.93 -11.21 18.62
CA VAL H 56 15.12 -10.37 18.72
C VAL H 56 16.34 -11.07 18.16
N TYR H 57 16.97 -10.44 17.18
CA TYR H 57 18.18 -10.99 16.57
C TYR H 57 19.35 -10.06 16.78
N ARG H 58 20.44 -10.59 17.33
CA ARG H 58 21.65 -9.82 17.52
C ARG H 58 22.87 -10.59 17.02
N GLU H 59 23.83 -9.86 16.46
CA GLU H 59 25.08 -10.47 16.04
C GLU H 59 26.18 -10.03 16.99
N LEU H 60 26.82 -11.05 17.58
CA LEU H 60 27.74 -10.87 18.68
C LEU H 60 28.98 -10.09 18.31
N THR H 61 29.45 -9.24 19.19
CA THR H 61 30.74 -8.66 19.00
C THR H 61 31.41 -8.58 20.31
N PRO H 62 32.65 -8.19 20.27
CA PRO H 62 33.44 -8.03 21.46
C PRO H 62 32.78 -7.00 22.32
N ASP H 63 32.19 -6.00 21.69
CA ASP H 63 31.59 -4.91 22.44
C ASP H 63 30.09 -4.98 22.50
N ASN H 64 29.47 -5.74 21.63
CA ASN H 64 28.05 -5.96 21.71
C ASN H 64 27.75 -6.76 22.94
N ALA H 65 28.45 -7.87 23.08
CA ALA H 65 28.08 -8.92 24.00
C ALA H 65 27.85 -8.53 25.43
N PRO H 66 28.41 -7.43 25.89
CA PRO H 66 28.15 -7.06 27.29
C PRO H 66 26.70 -6.70 27.55
N GLN H 67 25.99 -6.37 26.47
CA GLN H 67 24.63 -5.85 26.52
C GLN H 67 23.58 -6.93 26.33
N LEU H 68 23.99 -8.18 26.53
CA LEU H 68 23.14 -9.35 26.27
C LEU H 68 21.88 -9.39 27.13
N ASN H 69 21.99 -8.97 28.38
CA ASN H 69 20.84 -8.98 29.27
C ASN H 69 19.76 -8.09 28.70
N ASP H 70 20.17 -6.99 28.10
CA ASP H 70 19.26 -6.08 27.43
C ASP H 70 18.59 -6.79 26.26
N PHE H 71 19.35 -7.61 25.54
CA PHE H 71 18.79 -8.43 24.49
C PHE H 71 17.80 -9.39 25.11
N ILE H 72 18.19 -9.97 26.24
CA ILE H 72 17.35 -10.92 26.94
C ILE H 72 16.06 -10.27 27.42
N ALA H 73 16.17 -9.07 27.96
CA ALA H 73 14.99 -8.37 28.44
C ALA H 73 14.03 -8.05 27.29
N LEU H 74 14.59 -7.52 26.20
CA LEU H 74 13.80 -7.27 25.00
C LEU H 74 13.32 -8.59 24.42
N ALA H 75 14.18 -9.59 24.51
CA ALA H 75 13.95 -10.90 23.91
C ALA H 75 12.75 -11.63 24.50
N GLN H 76 12.48 -11.41 25.78
CA GLN H 76 11.52 -12.20 26.52
C GLN H 76 10.11 -12.13 25.93
N GLY H 77 9.45 -13.29 25.87
CA GLY H 77 8.14 -13.41 25.28
C GLY H 77 8.28 -13.54 23.78
N GLY H 78 9.53 -13.51 23.33
CA GLY H 78 9.85 -13.58 21.92
C GLY H 78 11.17 -14.32 21.72
N THR H 79 11.42 -14.78 20.52
CA THR H 79 12.64 -15.47 20.27
C THR H 79 13.83 -14.59 20.35
N LEU H 80 14.93 -15.15 20.77
CA LEU H 80 16.20 -14.45 20.76
C LEU H 80 17.18 -15.18 19.86
N VAL H 81 17.79 -14.45 18.93
CA VAL H 81 18.71 -15.05 17.97
C VAL H 81 20.12 -14.45 18.07
N LEU H 82 21.12 -15.31 18.14
CA LEU H 82 22.51 -14.87 18.28
C LEU H 82 23.44 -15.55 17.29
N SER H 83 24.49 -14.85 16.90
CA SER H 83 25.47 -15.37 15.96
C SER H 83 26.88 -15.08 16.48
N HIS H 84 27.86 -15.91 16.12
CA HIS H 84 29.19 -15.73 16.69
C HIS H 84 29.05 -15.75 18.20
N PRO H 85 28.42 -16.80 18.70
CA PRO H 85 28.17 -17.02 20.12
C PRO H 85 29.44 -17.19 20.94
N GLU H 86 30.55 -17.43 20.27
CA GLU H 86 31.84 -17.72 20.92
C GLU H 86 32.28 -16.55 21.79
N HIS H 87 31.81 -15.36 21.44
CA HIS H 87 32.11 -14.13 22.16
C HIS H 87 31.61 -14.16 23.61
N LEU H 88 30.51 -14.88 23.85
CA LEU H 88 29.87 -14.88 25.14
C LEU H 88 30.77 -15.42 26.25
N THR H 89 30.66 -14.81 27.42
CA THR H 89 31.40 -15.24 28.61
C THR H 89 30.84 -16.55 29.13
N ARG H 90 31.66 -17.31 29.84
CA ARG H 90 31.21 -18.58 30.40
C ARG H 90 30.08 -18.30 31.38
N GLU H 91 30.24 -17.25 32.18
CA GLU H 91 29.19 -16.85 33.11
C GLU H 91 27.95 -16.46 32.31
N GLN H 92 28.16 -15.74 31.22
CA GLN H 92 27.07 -15.36 30.34
C GLN H 92 26.45 -16.60 29.73
N GLN H 93 27.30 -17.53 29.31
CA GLN H 93 26.84 -18.79 28.77
C GLN H 93 26.07 -19.54 29.85
N TYR H 94 26.63 -19.51 31.06
CA TYR H 94 25.98 -20.13 32.20
C TYR H 94 24.64 -19.44 32.48
N HIS H 95 24.66 -18.12 32.39
CA HIS H 95 23.46 -17.32 32.65
C HIS H 95 22.36 -17.65 31.65
N LEU H 96 22.74 -17.78 30.38
CA LEU H 96 21.80 -18.16 29.34
C LEU H 96 21.25 -19.55 29.60
N VAL H 97 22.14 -20.46 29.99
CA VAL H 97 21.76 -21.85 30.22
C VAL H 97 20.74 -21.99 31.36
N GLN H 98 20.92 -21.21 32.42
CA GLN H 98 20.02 -21.28 33.56
C GLN H 98 18.60 -20.88 33.18
N LEU H 99 18.50 -19.79 32.42
CA LEU H 99 17.23 -19.26 31.96
C LEU H 99 16.51 -20.23 31.02
N GLN H 100 17.28 -20.92 30.20
CA GLN H 100 16.72 -21.83 29.22
C GLN H 100 15.94 -22.94 29.90
N SER H 101 16.45 -23.43 31.03
CA SER H 101 15.75 -24.47 31.77
C SER H 101 14.92 -23.84 32.88
N GLN H 102 13.60 -23.96 32.75
CA GLN H 102 12.67 -23.40 33.72
C GLN H 102 11.35 -24.17 33.62
N GLU H 103 10.46 -23.97 34.58
CA GLU H 103 9.18 -24.66 34.54
C GLU H 103 8.46 -24.24 33.27
N HIS H 104 8.48 -22.94 33.00
CA HIS H 104 8.01 -22.40 31.74
C HIS H 104 9.16 -21.60 31.13
N ARG H 105 9.52 -21.89 29.89
CA ARG H 105 10.62 -21.19 29.25
C ARG H 105 10.27 -19.72 29.04
N PRO H 106 11.18 -18.83 29.45
CA PRO H 106 10.96 -17.39 29.30
C PRO H 106 10.89 -17.00 27.82
N PHE H 107 11.79 -17.58 27.02
CA PHE H 107 11.86 -17.29 25.60
C PHE H 107 12.51 -18.44 24.85
N ARG H 108 12.37 -18.44 23.55
CA ARG H 108 13.07 -19.42 22.75
C ARG H 108 14.27 -18.75 22.14
N LEU H 109 15.41 -19.41 22.24
CA LEU H 109 16.65 -18.84 21.74
C LEU H 109 17.19 -19.64 20.56
N ILE H 110 17.47 -18.94 19.48
CA ILE H 110 18.04 -19.55 18.30
C ILE H 110 19.44 -18.99 18.10
N GLY H 111 20.41 -19.88 17.97
CA GLY H 111 21.78 -19.47 17.80
C GLY H 111 22.29 -19.82 16.41
N ILE H 112 22.99 -18.89 15.78
CA ILE H 112 23.55 -19.14 14.45
C ILE H 112 25.07 -19.33 14.53
N GLY H 113 25.54 -20.47 14.04
CA GLY H 113 26.94 -20.81 14.11
C GLY H 113 27.49 -21.30 12.78
N ASP H 114 28.76 -21.03 12.53
CA ASP H 114 29.40 -21.37 11.27
C ASP H 114 29.45 -22.88 11.01
N THR H 115 29.68 -23.63 12.08
CA THR H 115 29.86 -25.07 11.97
C THR H 115 28.96 -25.77 12.95
N SER H 116 28.87 -27.09 12.81
CA SER H 116 28.10 -27.90 13.73
C SER H 116 28.78 -27.75 15.08
N LEU H 117 28.07 -28.12 16.13
CA LEU H 117 28.44 -27.79 17.50
C LEU H 117 29.81 -28.34 17.88
N VAL H 118 30.18 -29.47 17.31
CA VAL H 118 31.35 -30.19 17.78
C VAL H 118 32.59 -29.33 17.66
N GLU H 119 32.72 -28.59 16.57
CA GLU H 119 33.88 -27.72 16.41
C GLU H 119 33.90 -26.66 17.50
N LEU H 120 32.75 -26.06 17.79
CA LEU H 120 32.77 -24.97 18.74
C LEU H 120 33.27 -25.42 20.11
N ALA H 121 32.65 -26.45 20.67
CA ALA H 121 33.08 -26.91 21.99
C ALA H 121 34.50 -27.48 21.95
N ALA H 122 34.73 -28.43 21.05
CA ALA H 122 36.07 -28.98 20.90
C ALA H 122 37.04 -27.93 20.37
N SER H 123 36.65 -27.25 19.30
CA SER H 123 37.51 -26.29 18.63
C SER H 123 37.16 -24.84 18.93
N ASN H 124 36.20 -24.63 19.83
CA ASN H 124 35.76 -23.28 20.13
C ASN H 124 35.66 -23.03 21.62
N HIS H 125 35.73 -21.77 22.01
CA HIS H 125 35.57 -21.42 23.42
C HIS H 125 34.09 -21.32 23.73
N ILE H 126 33.41 -22.44 23.62
CA ILE H 126 31.98 -22.52 23.88
C ILE H 126 31.75 -23.48 25.03
N ILE H 127 30.93 -23.07 25.99
CA ILE H 127 30.71 -23.86 27.19
C ILE H 127 30.06 -25.21 26.90
N ALA H 128 30.45 -26.22 27.65
CA ALA H 128 29.93 -27.57 27.50
C ALA H 128 28.44 -27.58 27.80
N GLU H 129 28.04 -26.81 28.81
CA GLU H 129 26.65 -26.69 29.20
C GLU H 129 25.80 -26.08 28.10
N LEU H 130 26.36 -25.07 27.43
CA LEU H 130 25.71 -24.42 26.30
C LEU H 130 25.53 -25.42 25.16
N TYR H 131 26.52 -26.29 24.99
CA TYR H 131 26.47 -27.30 23.93
C TYR H 131 25.34 -28.29 24.17
N TYR H 132 24.88 -28.36 25.41
CA TYR H 132 23.84 -29.31 25.79
C TYR H 132 22.52 -29.03 25.07
N CYS H 133 22.25 -27.76 24.80
CA CYS H 133 21.03 -27.37 24.11
C CYS H 133 21.34 -26.56 22.86
#